data_5DXU
#
_entry.id   5DXU
#
_cell.length_a   91.049
_cell.length_b   108.749
_cell.length_c   142.427
_cell.angle_alpha   90.00
_cell.angle_beta   90.00
_cell.angle_gamma   90.00
#
_symmetry.space_group_name_H-M   'P 21 21 21'
#
loop_
_entity.id
_entity.type
_entity.pdbx_description
1 polymer 'Phosphatidylinositol 4,5-bisphosphate 3-kinase catalytic subunit delta isoform'
2 polymer 'Phosphatidylinositol 3-kinase regulatory subunit alpha'
3 non-polymer (2S)-2-({2-[1-(propan-2-yl)-1H-1,2,4-triazol-5-yl]-5,6-dihydroimidazo[1,2-d][1,4]benzoxazepin-9-yl}oxy)propanamide
4 water water
#
loop_
_entity_poly.entity_id
_entity_poly.type
_entity_poly.pdbx_seq_one_letter_code
_entity_poly.pdbx_strand_id
1 'polypeptide(L)'
;PPGVDCPMEFWTKEENQSVVVDFLLPTGVYLNFPVSRNANLSTIKQLLWHRAQYEPLFHMLSGPEAYVFTCINQTAEQQE
LEDEQRRLCDVQPFLPVLRLVAREGDRVKKLINSQISLLIGKGLHEFDSLCDPEVNDFRAKMCQFCEEAAARRQQLGWEA
WLQYSFPLQLEPSAQTWGPGTLRLPNRALLVNVKFEGSEESFTFQVSTKDVPLALMACALRKKATVFRQPLVEQPEDYTL
QVNGRHEYLYGSYPLCQFQYICSCLHSGLTPHLTMVHSSSILAMRDEQSNPAPQVQKPRAKPPPIPAKKPSSVSLWSLEQ
PFRIELIQGSKVNADERMKLVVQAGLFHGNEMLCKTVSSSEVSVCSEPVWKQRLEFDINICDLPRMARLCFALYAVIEKA
KKARSTKKKSKKADCPIAWANLMLFDYKDQLKTGERCLYMWPSVPDEKGELLNPTGTVRSNPNTDSAAALLICLPEVAPH
PVYYPALEKILELGRHSECVHVTEEEQLQLREILERRGSGELYEHEKDLVWKLRHEVQEHFPEALARLLLVTKWNKHEDV
AQMLYLLCSWPELPVLSALELLDFSFPDCHVGSFAIKSLRKLTDDELFQYLLQLVQVLKYESYLDCELTKFLLDRALANR
KIGHFLFWHLRSEMHVPSVALRFGLILEAYCRGSTHHMKVLMKQGEALSKLKALNDFVKLSSQKTPKPQTKELMHLCMRQ
EAYLEALSHLQSPLDPSTLLAEVCVEQCTFMDSKMKPLWIMYSNEEAGSGGSVGIIFKNGDDLRQDMLTLQMIQLMDVLW
KQEGLDLRMTPYGCLPTGDRTGLIEVVLRSDTIANIQLNKSNMAATAAFNKDALLNWLKSKNPGEALDRAIEEFTLSCAG
YCVATYVLGIGDRHSDNIMIRESGQLFHIDFGHFLGNFKTKFGINRERVPFILTYDFVHVIQQGKTNNSEKFERFRGYCE
RAYTILRRHGLLFLHLFALMRAAGLPELSCSKDIQYLKDSLALGKTEEEALKHFRVKFNEALRESWKTKVNWLAHNVSKD
NRQ
;
A
2 'polypeptide(L)'
;YQQDQVVKEDNIEAVGKKLHEYNTQFQEKSREYDRLYEDYTRTSQEIQMKRTAIEAFNETIKIFEEQCQTQERYSKEYIE
KFKREGNETEIQRIMHNYEKLKSRISEIVDSRRRLEEDLKKQAAEYREIDKRMNSIKPDLIQLRKTRDQYLMWLTQKGVR
QKKLNEWLG
;
B
#
loop_
_chem_comp.id
_chem_comp.type
_chem_comp.name
_chem_comp.formula
5H5 non-polymer (2S)-2-({2-[1-(propan-2-yl)-1H-1,2,4-triazol-5-yl]-5,6-dihydroimidazo[1,2-d][1,4]benzoxazepin-9-yl}oxy)propanamide 'C19 H22 N6 O3'
#
# COMPACT_ATOMS: atom_id res chain seq x y z
N ASN A 16 14.18 27.36 -19.98
CA ASN A 16 15.66 27.30 -20.20
C ASN A 16 16.17 25.86 -20.30
N GLN A 17 17.12 25.63 -21.21
CA GLN A 17 17.68 24.29 -21.44
C GLN A 17 18.92 24.05 -20.58
N SER A 18 19.83 25.04 -20.54
CA SER A 18 21.07 24.91 -19.76
C SER A 18 20.90 25.36 -18.31
N VAL A 19 21.85 24.92 -17.47
CA VAL A 19 21.88 25.22 -16.03
C VAL A 19 23.31 25.55 -15.62
N VAL A 20 23.47 26.60 -14.83
CA VAL A 20 24.76 26.96 -14.23
C VAL A 20 25.04 25.99 -13.08
N VAL A 21 26.25 25.41 -13.10
CA VAL A 21 26.65 24.36 -12.16
C VAL A 21 27.89 24.81 -11.41
N ASP A 22 27.87 24.61 -10.09
CA ASP A 22 29.01 24.87 -9.22
C ASP A 22 29.86 23.62 -9.15
N PHE A 23 31.16 23.75 -9.42
CA PHE A 23 32.12 22.65 -9.34
C PHE A 23 33.13 22.91 -8.23
N LEU A 24 33.30 21.93 -7.35
CA LEU A 24 34.28 22.01 -6.27
C LEU A 24 35.38 20.99 -6.53
N LEU A 25 36.60 21.48 -6.72
CA LEU A 25 37.76 20.63 -6.99
C LEU A 25 38.48 20.31 -5.68
N PRO A 26 39.21 19.17 -5.64
CA PRO A 26 39.81 18.71 -4.39
C PRO A 26 41.06 19.47 -3.95
N THR A 27 41.53 20.41 -4.78
CA THR A 27 42.53 21.40 -4.39
C THR A 27 41.94 22.60 -3.61
N GLY A 28 40.61 22.71 -3.57
CA GLY A 28 39.92 23.86 -2.96
C GLY A 28 39.41 24.86 -4.01
N VAL A 29 39.80 24.66 -5.26
CA VAL A 29 39.40 25.53 -6.37
C VAL A 29 37.93 25.32 -6.70
N TYR A 30 37.31 26.39 -7.21
CA TYR A 30 35.88 26.48 -7.46
C TYR A 30 35.62 27.03 -8.86
N LEU A 31 34.77 26.35 -9.63
CA LEU A 31 34.36 26.79 -10.97
C LEU A 31 32.86 26.86 -11.09
N ASN A 32 32.40 27.75 -11.97
CA ASN A 32 31.00 28.07 -12.16
C ASN A 32 30.79 28.26 -13.66
N PHE A 33 30.07 27.35 -14.31
CA PHE A 33 29.76 27.50 -15.75
C PHE A 33 28.50 26.72 -16.15
N PRO A 34 27.81 27.18 -17.23
CA PRO A 34 26.59 26.50 -17.67
C PRO A 34 26.86 25.20 -18.43
N VAL A 35 26.08 24.17 -18.12
CA VAL A 35 26.01 22.93 -18.90
C VAL A 35 24.55 22.63 -19.22
N SER A 36 24.32 21.68 -20.12
CA SER A 36 22.97 21.25 -20.49
C SER A 36 22.39 20.30 -19.44
N ARG A 37 21.09 20.41 -19.19
CA ARG A 37 20.37 19.45 -18.33
C ARG A 37 20.39 18.02 -18.90
N ASN A 38 20.36 17.91 -20.23
CA ASN A 38 20.45 16.62 -20.94
C ASN A 38 21.86 15.98 -20.99
N ALA A 39 22.89 16.71 -20.56
CA ALA A 39 24.26 16.20 -20.61
C ALA A 39 24.51 15.18 -19.51
N ASN A 40 25.10 14.04 -19.87
CA ASN A 40 25.51 13.06 -18.86
C ASN A 40 26.76 13.48 -18.12
N LEU A 41 26.97 12.89 -16.95
CA LEU A 41 28.03 13.32 -16.05
C LEU A 41 29.44 13.11 -16.64
N SER A 42 29.60 12.11 -17.51
CA SER A 42 30.86 11.89 -18.22
C SER A 42 31.23 13.07 -19.12
N THR A 43 30.26 13.50 -19.92
CA THR A 43 30.35 14.71 -20.72
C THR A 43 30.64 15.96 -19.89
N ILE A 44 30.01 16.05 -18.70
CA ILE A 44 30.20 17.20 -17.81
C ILE A 44 31.62 17.19 -17.20
N LYS A 45 32.15 16.01 -16.93
CA LYS A 45 33.52 15.91 -16.42
C LYS A 45 34.55 16.28 -17.51
N GLN A 46 34.24 16.00 -18.78
CA GLN A 46 35.07 16.47 -19.90
C GLN A 46 35.11 18.00 -19.93
N LEU A 47 33.94 18.62 -19.97
CA LEU A 47 33.83 20.08 -20.04
C LEU A 47 34.53 20.73 -18.86
N LEU A 48 34.36 20.12 -17.69
CA LEU A 48 35.02 20.59 -16.47
C LEU A 48 36.54 20.57 -16.60
N TRP A 49 37.08 19.44 -17.04
CA TRP A 49 38.54 19.31 -17.20
C TRP A 49 39.08 20.31 -18.21
N HIS A 50 38.35 20.55 -19.28
CA HIS A 50 38.72 21.56 -20.27
C HIS A 50 38.77 22.99 -19.69
N ARG A 51 37.88 23.29 -18.75
CA ARG A 51 37.83 24.61 -18.10
C ARG A 51 38.81 24.72 -16.92
N ALA A 52 38.93 23.64 -16.16
CA ALA A 52 39.88 23.57 -15.04
C ALA A 52 41.34 23.80 -15.45
N GLN A 53 41.69 23.38 -16.68
CA GLN A 53 42.96 23.75 -17.34
C GLN A 53 43.43 25.16 -17.04
N TYR A 54 42.51 26.10 -17.23
CA TYR A 54 42.83 27.53 -17.16
C TYR A 54 42.49 28.17 -15.81
N GLU A 55 42.33 27.34 -14.77
CA GLU A 55 42.20 27.80 -13.38
C GLU A 55 43.39 27.27 -12.58
N PRO A 56 43.73 27.91 -11.43
CA PRO A 56 44.96 27.56 -10.71
C PRO A 56 45.00 26.12 -10.15
N LEU A 57 46.20 25.61 -9.95
CA LEU A 57 46.45 24.31 -9.33
C LEU A 57 45.94 23.10 -10.12
N PHE A 58 45.72 23.26 -11.43
CA PHE A 58 45.33 22.16 -12.31
C PHE A 58 46.36 21.01 -12.33
N HIS A 59 47.64 21.36 -12.27
CA HIS A 59 48.73 20.39 -12.42
C HIS A 59 48.86 19.38 -11.28
N MET A 60 48.19 19.66 -10.16
CA MET A 60 48.19 18.76 -9.01
C MET A 60 47.08 17.71 -9.07
N LEU A 61 46.05 17.97 -9.87
CA LEU A 61 44.97 17.00 -10.07
C LEU A 61 45.46 15.72 -10.74
N SER A 62 44.74 14.62 -10.49
CA SER A 62 44.90 13.39 -11.25
C SER A 62 43.99 13.50 -12.47
N GLY A 63 43.95 12.45 -13.29
CA GLY A 63 43.07 12.40 -14.46
C GLY A 63 41.61 12.31 -14.06
N PRO A 64 40.68 12.68 -14.97
CA PRO A 64 39.23 12.65 -14.65
C PRO A 64 38.71 11.32 -14.09
N GLU A 65 39.25 10.22 -14.59
CA GLU A 65 38.90 8.87 -14.09
C GLU A 65 39.32 8.58 -12.64
N ALA A 66 40.18 9.41 -12.05
CA ALA A 66 40.55 9.28 -10.63
C ALA A 66 39.47 9.78 -9.66
N TYR A 67 38.44 10.48 -10.15
CA TYR A 67 37.44 11.16 -9.32
C TYR A 67 35.99 10.83 -9.67
N VAL A 68 35.12 10.87 -8.65
CA VAL A 68 33.68 10.75 -8.82
C VAL A 68 33.04 12.07 -8.44
N PHE A 69 31.96 12.43 -9.13
CA PHE A 69 31.12 13.55 -8.69
C PHE A 69 30.26 13.12 -7.49
N THR A 70 30.26 13.98 -6.47
CA THR A 70 29.37 13.88 -5.32
C THR A 70 28.36 15.01 -5.44
N CYS A 71 27.12 14.74 -5.06
CA CYS A 71 26.09 15.77 -4.96
C CYS A 71 25.16 15.52 -3.79
N ILE A 72 24.46 16.57 -3.38
CA ILE A 72 23.33 16.47 -2.46
C ILE A 72 22.11 16.20 -3.34
N ASN A 73 21.38 15.13 -3.06
CA ASN A 73 20.21 14.76 -3.86
C ASN A 73 18.86 15.21 -3.26
N GLN A 74 17.79 14.89 -3.97
CA GLN A 74 16.42 15.34 -3.63
C GLN A 74 15.95 14.94 -2.22
N THR A 75 16.48 13.82 -1.72
CA THR A 75 16.21 13.33 -0.36
C THR A 75 17.21 13.81 0.72
N ALA A 76 18.06 14.77 0.37
CA ALA A 76 18.98 15.50 1.29
C ALA A 76 20.26 14.77 1.70
N GLU A 77 20.58 13.67 1.02
CA GLU A 77 21.78 12.88 1.32
C GLU A 77 22.85 13.11 0.28
N GLN A 78 24.11 12.98 0.69
CA GLN A 78 25.23 12.94 -0.25
C GLN A 78 25.09 11.69 -1.10
N GLN A 79 25.44 11.82 -2.37
CA GLN A 79 25.39 10.70 -3.31
C GLN A 79 26.62 10.75 -4.16
N GLU A 80 27.45 9.72 -4.07
CA GLU A 80 28.56 9.55 -5.00
C GLU A 80 28.00 9.03 -6.32
N LEU A 81 28.16 9.81 -7.38
CA LEU A 81 27.57 9.51 -8.70
C LEU A 81 28.47 8.61 -9.56
N GLU A 82 28.35 7.30 -9.34
CA GLU A 82 29.22 6.31 -9.99
C GLU A 82 28.87 6.07 -11.47
N ASP A 83 27.57 6.01 -11.79
CA ASP A 83 27.14 5.87 -13.18
C ASP A 83 27.21 7.23 -13.87
N GLU A 84 28.27 7.43 -14.65
CA GLU A 84 28.47 8.69 -15.38
C GLU A 84 27.78 8.75 -16.75
N GLN A 85 27.07 7.68 -17.11
CA GLN A 85 26.13 7.69 -18.25
C GLN A 85 24.79 8.33 -17.89
N ARG A 86 24.61 8.67 -16.62
CA ARG A 86 23.38 9.21 -16.11
C ARG A 86 23.31 10.69 -16.47
N ARG A 87 22.16 11.14 -16.98
CA ARG A 87 21.96 12.55 -17.29
C ARG A 87 21.78 13.36 -16.02
N LEU A 88 22.24 14.61 -16.04
CA LEU A 88 22.12 15.53 -14.90
C LEU A 88 20.67 15.75 -14.46
N CYS A 89 19.76 15.90 -15.42
CA CYS A 89 18.35 16.11 -15.11
C CYS A 89 17.71 14.90 -14.43
N ASP A 90 18.27 13.72 -14.66
CA ASP A 90 17.85 12.50 -13.96
C ASP A 90 18.48 12.39 -12.57
N VAL A 91 19.69 12.91 -12.39
CA VAL A 91 20.33 12.93 -11.07
C VAL A 91 19.53 13.79 -10.08
N GLN A 92 19.05 14.94 -10.56
CA GLN A 92 18.23 15.87 -9.77
C GLN A 92 18.91 16.23 -8.46
N PRO A 93 20.09 16.86 -8.54
CA PRO A 93 20.74 17.29 -7.30
C PRO A 93 19.93 18.43 -6.71
N PHE A 94 19.99 18.63 -5.40
CA PHE A 94 19.15 19.62 -4.75
C PHE A 94 19.41 20.99 -5.36
N LEU A 95 20.68 21.38 -5.34
CA LEU A 95 21.18 22.53 -6.10
C LEU A 95 22.25 22.02 -7.06
N PRO A 96 22.49 22.74 -8.19
CA PRO A 96 23.46 22.24 -9.17
C PRO A 96 24.91 22.41 -8.67
N VAL A 97 25.30 21.49 -7.79
CA VAL A 97 26.60 21.50 -7.14
C VAL A 97 27.17 20.10 -7.29
N LEU A 98 28.37 20.03 -7.86
CA LEU A 98 29.08 18.77 -8.05
C LEU A 98 30.46 18.94 -7.44
N ARG A 99 30.81 18.03 -6.53
CA ARG A 99 32.10 18.03 -5.87
C ARG A 99 32.88 16.79 -6.30
N LEU A 100 34.16 16.96 -6.64
CA LEU A 100 35.04 15.84 -6.97
C LEU A 100 35.65 15.24 -5.71
N VAL A 101 35.34 13.97 -5.44
CA VAL A 101 35.98 13.20 -4.38
C VAL A 101 36.74 12.03 -4.99
N ALA A 102 37.53 11.35 -4.16
CA ALA A 102 38.28 10.17 -4.58
C ALA A 102 37.36 8.97 -4.83
N ARG A 103 37.72 8.15 -5.80
CA ARG A 103 37.02 6.88 -6.06
C ARG A 103 37.52 5.90 -4.98
N GLU A 104 36.84 5.93 -3.83
CA GLU A 104 37.42 5.47 -2.56
C GLU A 104 36.54 4.47 -1.79
N GLY A 105 37.19 3.59 -1.03
CA GLY A 105 36.53 2.74 -0.02
C GLY A 105 35.54 1.74 -0.58
N ASP A 106 34.64 1.27 0.28
CA ASP A 106 33.57 0.35 -0.14
C ASP A 106 32.49 1.13 -0.90
N ARG A 107 32.71 1.24 -2.21
CA ARG A 107 31.76 1.91 -3.10
C ARG A 107 30.44 1.13 -3.28
N VAL A 108 30.44 -0.15 -2.93
CA VAL A 108 29.25 -1.01 -3.07
C VAL A 108 28.18 -0.67 -2.02
N LYS A 109 28.58 -0.46 -0.77
CA LYS A 109 27.65 -0.06 0.31
C LYS A 109 27.10 1.35 0.09
N LYS A 110 28.01 2.28 -0.18
CA LYS A 110 27.67 3.68 -0.50
C LYS A 110 26.63 3.78 -1.61
N LEU A 111 26.88 3.07 -2.72
CA LEU A 111 25.99 3.07 -3.87
C LEU A 111 24.60 2.50 -3.56
N ILE A 112 24.54 1.44 -2.77
CA ILE A 112 23.27 0.81 -2.39
C ILE A 112 22.48 1.69 -1.42
N ASN A 113 23.17 2.29 -0.45
CA ASN A 113 22.54 3.22 0.51
C ASN A 113 21.85 4.37 -0.20
N SER A 114 22.58 4.99 -1.13
CA SER A 114 22.06 6.06 -1.99
C SER A 114 20.81 5.66 -2.77
N GLN A 115 20.91 4.55 -3.48
CA GLN A 115 19.82 4.10 -4.35
C GLN A 115 18.56 3.71 -3.59
N ILE A 116 18.71 3.09 -2.42
CA ILE A 116 17.59 2.78 -1.53
C ILE A 116 16.76 4.03 -1.18
N SER A 117 17.44 5.09 -0.76
CA SER A 117 16.80 6.34 -0.32
C SER A 117 15.90 6.93 -1.40
N LEU A 118 16.44 7.02 -2.61
CA LEU A 118 15.67 7.47 -3.77
C LEU A 118 14.53 6.51 -4.09
N LEU A 119 14.80 5.21 -3.96
CA LEU A 119 13.83 4.19 -4.34
C LEU A 119 12.62 4.14 -3.41
N ILE A 120 12.84 4.29 -2.10
CA ILE A 120 11.74 4.24 -1.12
C ILE A 120 11.12 5.61 -0.80
N GLY A 121 11.63 6.68 -1.43
CA GLY A 121 11.14 8.04 -1.19
C GLY A 121 11.30 8.51 0.25
N LYS A 122 12.40 8.09 0.87
CA LYS A 122 12.76 8.53 2.22
C LYS A 122 14.25 8.29 2.45
N GLY A 123 14.98 9.34 2.78
CA GLY A 123 16.40 9.24 3.10
C GLY A 123 16.68 8.37 4.31
N LEU A 124 17.72 7.55 4.21
CA LEU A 124 18.13 6.65 5.29
C LEU A 124 18.58 7.40 6.55
N HIS A 125 19.17 8.58 6.35
CA HIS A 125 19.59 9.47 7.44
C HIS A 125 18.44 9.87 8.38
N GLU A 126 17.22 9.88 7.86
CA GLU A 126 16.02 10.12 8.67
C GLU A 126 15.79 9.01 9.71
N PHE A 127 16.28 7.81 9.44
CA PHE A 127 16.26 6.72 10.44
C PHE A 127 17.30 6.92 11.54
N ASP A 128 18.47 7.45 11.17
CA ASP A 128 19.52 7.80 12.14
C ASP A 128 19.09 8.98 13.03
N SER A 129 18.56 10.02 12.38
CA SER A 129 18.04 11.24 13.05
C SER A 129 17.12 11.01 14.25
N LEU A 130 16.36 9.92 14.23
CA LEU A 130 15.46 9.56 15.34
C LEU A 130 16.18 9.24 16.65
N CYS A 131 17.40 8.71 16.56
CA CYS A 131 18.13 8.16 17.72
C CYS A 131 17.25 7.21 18.54
N ASP A 132 16.62 6.27 17.83
CA ASP A 132 15.73 5.29 18.41
C ASP A 132 16.46 3.94 18.42
N PRO A 133 16.71 3.37 19.62
CA PRO A 133 17.26 2.01 19.71
C PRO A 133 16.47 0.95 18.93
N GLU A 134 15.13 1.04 18.97
CA GLU A 134 14.26 0.08 18.26
C GLU A 134 14.49 0.10 16.75
N VAL A 135 14.65 1.29 16.19
CA VAL A 135 14.86 1.48 14.76
C VAL A 135 16.26 0.96 14.39
N ASN A 136 17.27 1.38 15.15
CA ASN A 136 18.65 0.94 14.94
C ASN A 136 18.83 -0.58 15.05
N ASP A 137 18.21 -1.17 16.07
CA ASP A 137 18.19 -2.64 16.24
C ASP A 137 17.50 -3.35 15.08
N PHE A 138 16.38 -2.78 14.60
CA PHE A 138 15.62 -3.37 13.50
C PHE A 138 16.46 -3.39 12.22
N ARG A 139 17.00 -2.23 11.86
CA ARG A 139 17.88 -2.09 10.69
C ARG A 139 19.04 -3.09 10.77
N ALA A 140 19.67 -3.17 11.95
CA ALA A 140 20.79 -4.08 12.15
C ALA A 140 20.39 -5.53 11.92
N LYS A 141 19.38 -5.99 12.65
CA LYS A 141 18.93 -7.40 12.56
C LYS A 141 18.41 -7.78 11.18
N MET A 142 17.57 -6.92 10.60
CA MET A 142 16.84 -7.24 9.38
C MET A 142 17.68 -7.13 8.11
N CYS A 143 18.58 -6.15 8.08
CA CYS A 143 19.51 -6.03 6.96
C CYS A 143 20.49 -7.21 6.91
N GLN A 144 20.98 -7.63 8.07
CA GLN A 144 21.84 -8.82 8.17
C GLN A 144 21.12 -10.09 7.72
N PHE A 145 19.85 -10.21 8.12
CA PHE A 145 19.02 -11.35 7.73
C PHE A 145 18.73 -11.38 6.23
N CYS A 146 18.37 -10.22 5.67
CA CYS A 146 18.10 -10.08 4.24
C CYS A 146 19.34 -10.30 3.38
N GLU A 147 20.48 -9.79 3.82
CA GLU A 147 21.74 -9.98 3.08
C GLU A 147 22.14 -11.44 3.02
N GLU A 148 21.99 -12.15 4.14
CA GLU A 148 22.33 -13.57 4.24
C GLU A 148 21.50 -14.42 3.28
N ALA A 149 20.19 -14.16 3.24
CA ALA A 149 19.31 -14.78 2.24
C ALA A 149 19.80 -14.53 0.81
N ALA A 150 20.17 -13.29 0.52
CA ALA A 150 20.61 -12.90 -0.82
C ALA A 150 21.91 -13.57 -1.27
N ALA A 151 22.87 -13.71 -0.36
CA ALA A 151 24.14 -14.41 -0.65
C ALA A 151 23.93 -15.92 -0.80
N ARG A 152 23.12 -16.49 0.10
CA ARG A 152 22.69 -17.89 0.06
C ARG A 152 21.95 -18.23 -1.24
N ARG A 153 21.16 -17.29 -1.74
CA ARG A 153 20.48 -17.44 -3.04
C ARG A 153 21.47 -17.45 -4.20
N GLN A 154 22.50 -16.61 -4.12
CA GLN A 154 23.50 -16.48 -5.19
C GLN A 154 24.33 -17.76 -5.36
N GLN A 155 24.48 -18.55 -4.30
CA GLN A 155 25.17 -19.84 -4.35
C GLN A 155 24.40 -20.89 -5.16
N LEU A 156 23.08 -20.95 -4.95
CA LEU A 156 22.20 -21.98 -5.55
C LEU A 156 22.20 -22.01 -7.09
N GLY A 157 21.73 -23.14 -7.64
CA GLY A 157 21.77 -23.40 -9.08
C GLY A 157 20.82 -22.57 -9.93
N TRP A 158 20.99 -22.69 -11.24
CA TRP A 158 20.19 -21.93 -12.23
C TRP A 158 18.70 -22.24 -12.21
N GLU A 159 18.34 -23.51 -11.99
CA GLU A 159 16.94 -23.93 -11.94
C GLU A 159 16.23 -23.34 -10.71
N ALA A 160 16.90 -23.40 -9.56
CA ALA A 160 16.39 -22.81 -8.32
C ALA A 160 16.33 -21.28 -8.41
N TRP A 161 17.34 -20.67 -9.04
CA TRP A 161 17.35 -19.23 -9.25
C TRP A 161 16.22 -18.80 -10.20
N LEU A 162 15.97 -19.60 -11.23
CA LEU A 162 14.85 -19.37 -12.15
C LEU A 162 13.51 -19.39 -11.41
N GLN A 163 13.38 -20.31 -10.46
CA GLN A 163 12.18 -20.44 -9.62
C GLN A 163 11.98 -19.23 -8.71
N TYR A 164 13.07 -18.71 -8.16
CA TYR A 164 13.05 -17.45 -7.40
C TYR A 164 12.65 -16.28 -8.31
N SER A 165 13.35 -16.14 -9.42
CA SER A 165 13.18 -14.99 -10.29
C SER A 165 11.89 -15.01 -11.11
N PHE A 166 11.57 -16.16 -11.70
CA PHE A 166 10.42 -16.30 -12.59
C PHE A 166 9.62 -17.55 -12.18
N PRO A 167 8.91 -17.47 -11.03
CA PRO A 167 8.11 -18.60 -10.58
C PRO A 167 6.97 -18.89 -11.54
N LEU A 168 6.47 -20.11 -11.53
CA LEU A 168 5.54 -20.55 -12.56
C LEU A 168 4.17 -19.92 -12.40
N GLN A 169 3.60 -19.52 -13.53
CA GLN A 169 2.25 -18.99 -13.61
C GLN A 169 1.36 -20.14 -14.10
N LEU A 170 0.65 -20.77 -13.15
CA LEU A 170 -0.18 -21.94 -13.42
C LEU A 170 -1.64 -21.64 -13.21
N GLU A 171 -2.49 -22.44 -13.86
CA GLU A 171 -3.93 -22.43 -13.65
C GLU A 171 -4.27 -23.29 -12.45
N PRO A 172 -5.34 -22.95 -11.69
CA PRO A 172 -5.84 -23.83 -10.63
C PRO A 172 -6.77 -24.91 -11.18
N LEU A 184 -10.64 -31.90 -17.53
CA LEU A 184 -9.30 -31.81 -18.10
C LEU A 184 -9.17 -32.68 -19.37
N PRO A 185 -9.53 -32.11 -20.55
CA PRO A 185 -9.41 -32.86 -21.81
C PRO A 185 -7.95 -33.04 -22.26
N ASN A 186 -7.75 -33.88 -23.28
CA ASN A 186 -6.42 -34.27 -23.78
C ASN A 186 -6.34 -34.30 -25.31
N ARG A 187 -6.65 -33.15 -25.92
CA ARG A 187 -6.55 -32.94 -27.38
C ARG A 187 -5.11 -32.54 -27.78
N ALA A 188 -4.90 -32.31 -29.07
CA ALA A 188 -3.58 -31.95 -29.62
C ALA A 188 -3.60 -30.63 -30.40
N LEU A 189 -2.53 -29.86 -30.30
CA LEU A 189 -2.36 -28.60 -31.06
C LEU A 189 -0.90 -28.17 -31.18
N LEU A 190 -0.55 -27.54 -32.30
CA LEU A 190 0.85 -27.24 -32.65
C LEU A 190 1.48 -26.10 -31.84
N VAL A 191 2.81 -26.01 -31.90
CA VAL A 191 3.58 -25.03 -31.13
C VAL A 191 4.81 -24.54 -31.93
N ASN A 192 5.05 -23.23 -31.91
CA ASN A 192 6.22 -22.62 -32.55
C ASN A 192 7.37 -22.50 -31.55
N VAL A 193 8.47 -23.20 -31.82
CA VAL A 193 9.66 -23.18 -30.96
C VAL A 193 10.85 -22.66 -31.76
N LYS A 194 11.63 -21.77 -31.14
CA LYS A 194 12.89 -21.28 -31.69
C LYS A 194 14.02 -21.39 -30.66
N PHE A 195 15.23 -20.97 -31.05
CA PHE A 195 16.39 -20.90 -30.16
C PHE A 195 16.89 -19.46 -30.03
N GLU A 196 17.71 -19.22 -29.02
CA GLU A 196 18.17 -17.88 -28.69
C GLU A 196 19.24 -17.43 -29.69
N GLY A 197 19.02 -16.26 -30.31
CA GLY A 197 19.94 -15.71 -31.30
C GLY A 197 19.86 -16.43 -32.63
N SER A 198 18.64 -16.55 -33.17
CA SER A 198 18.39 -17.29 -34.40
C SER A 198 17.07 -16.89 -35.03
N GLU A 199 17.11 -16.52 -36.32
CA GLU A 199 15.91 -16.14 -37.09
C GLU A 199 14.97 -17.32 -37.30
N GLU A 200 15.54 -18.46 -37.72
CA GLU A 200 14.77 -19.66 -38.05
C GLU A 200 14.11 -20.28 -36.81
N SER A 201 12.84 -20.69 -36.96
CA SER A 201 12.08 -21.38 -35.92
C SER A 201 11.44 -22.67 -36.46
N PHE A 202 11.01 -23.53 -35.54
CA PHE A 202 10.39 -24.81 -35.88
C PHE A 202 8.96 -24.87 -35.34
N THR A 203 8.00 -25.15 -36.23
CA THR A 203 6.59 -25.38 -35.86
C THR A 203 6.32 -26.87 -35.94
N PHE A 204 5.65 -27.42 -34.92
CA PHE A 204 5.32 -28.85 -34.88
C PHE A 204 4.23 -29.22 -33.87
N GLN A 205 3.64 -30.39 -34.06
CA GLN A 205 2.52 -30.87 -33.24
C GLN A 205 2.99 -31.37 -31.87
N VAL A 206 2.11 -31.22 -30.88
CA VAL A 206 2.35 -31.70 -29.52
C VAL A 206 1.03 -31.74 -28.74
N SER A 207 0.89 -32.70 -27.84
CA SER A 207 -0.35 -32.86 -27.06
C SER A 207 -0.45 -31.82 -25.95
N THR A 208 -1.69 -31.56 -25.52
CA THR A 208 -1.95 -30.62 -24.42
C THR A 208 -1.41 -31.12 -23.08
N LYS A 209 -1.40 -32.44 -22.88
CA LYS A 209 -0.93 -33.04 -21.62
C LYS A 209 0.56 -33.43 -21.61
N ASP A 210 1.33 -33.01 -22.61
CA ASP A 210 2.80 -33.18 -22.61
C ASP A 210 3.48 -32.28 -21.56
N VAL A 211 4.55 -32.79 -20.95
CA VAL A 211 5.36 -32.06 -19.97
C VAL A 211 6.45 -31.31 -20.77
N PRO A 212 6.75 -30.03 -20.41
CA PRO A 212 7.62 -29.20 -21.27
C PRO A 212 9.02 -29.76 -21.59
N LEU A 213 9.58 -30.59 -20.72
CA LEU A 213 10.84 -31.31 -21.02
C LEU A 213 10.75 -32.10 -22.33
N ALA A 214 9.63 -32.80 -22.54
CA ALA A 214 9.37 -33.54 -23.78
C ALA A 214 9.29 -32.63 -25.00
N LEU A 215 8.75 -31.43 -24.82
CA LEU A 215 8.69 -30.42 -25.89
C LEU A 215 10.10 -29.93 -26.27
N MET A 216 10.95 -29.73 -25.26
CA MET A 216 12.35 -29.28 -25.48
C MET A 216 13.14 -30.30 -26.29
N ALA A 217 13.13 -31.56 -25.85
CA ALA A 217 13.84 -32.67 -26.53
C ALA A 217 13.41 -32.83 -27.99
N CYS A 218 12.12 -32.62 -28.26
CA CYS A 218 11.57 -32.65 -29.62
C CYS A 218 12.12 -31.53 -30.49
N ALA A 219 12.08 -30.31 -29.96
CA ALA A 219 12.67 -29.13 -30.63
C ALA A 219 14.18 -29.25 -30.82
N LEU A 220 14.84 -29.84 -29.83
CA LEU A 220 16.29 -30.06 -29.83
C LEU A 220 16.77 -30.91 -31.03
N ARG A 221 15.90 -31.77 -31.53
CA ARG A 221 16.14 -32.46 -32.82
C ARG A 221 15.93 -31.46 -33.96
N LYS A 222 16.93 -30.58 -34.14
CA LYS A 222 16.86 -29.46 -35.08
C LYS A 222 17.07 -29.94 -36.51
N LYS A 223 18.26 -30.44 -36.81
CA LYS A 223 18.58 -31.02 -38.12
C LYS A 223 18.17 -32.48 -38.12
N ALA A 224 18.81 -33.28 -37.27
CA ALA A 224 18.53 -34.70 -37.13
C ALA A 224 17.53 -34.94 -36.01
N VAL A 232 25.32 -33.53 -29.09
CA VAL A 232 25.89 -32.19 -29.12
C VAL A 232 25.45 -31.39 -27.89
N GLU A 233 24.15 -31.25 -27.73
CA GLU A 233 23.53 -30.57 -26.58
C GLU A 233 22.45 -31.46 -25.96
N GLN A 234 22.05 -31.12 -24.73
CA GLN A 234 21.13 -31.93 -23.93
C GLN A 234 19.90 -31.08 -23.53
N PRO A 235 18.67 -31.64 -23.69
CA PRO A 235 17.45 -30.84 -23.39
C PRO A 235 17.25 -30.40 -21.93
N GLU A 236 17.90 -31.08 -20.97
CA GLU A 236 17.88 -30.68 -19.56
C GLU A 236 18.84 -29.52 -19.22
N ASP A 237 19.59 -29.05 -20.21
CA ASP A 237 20.39 -27.82 -20.10
C ASP A 237 19.64 -26.58 -20.60
N TYR A 238 18.37 -26.76 -20.97
CA TYR A 238 17.55 -25.68 -21.53
C TYR A 238 16.33 -25.35 -20.65
N THR A 239 15.76 -24.17 -20.88
CA THR A 239 14.42 -23.83 -20.42
C THR A 239 13.61 -23.25 -21.57
N LEU A 240 12.29 -23.23 -21.41
CA LEU A 240 11.38 -22.64 -22.40
C LEU A 240 10.91 -21.27 -21.92
N GLN A 241 11.43 -20.21 -22.55
CA GLN A 241 10.97 -18.84 -22.33
C GLN A 241 9.79 -18.54 -23.25
N VAL A 242 8.83 -17.77 -22.76
CA VAL A 242 7.75 -17.23 -23.60
C VAL A 242 8.31 -15.94 -24.21
N ASN A 243 8.70 -15.97 -25.48
CA ASN A 243 9.30 -14.79 -26.13
C ASN A 243 8.37 -13.57 -26.10
N GLY A 244 8.97 -12.41 -25.87
CA GLY A 244 8.24 -11.17 -25.59
C GLY A 244 8.07 -10.86 -24.10
N ARG A 245 8.16 -11.88 -23.25
CA ARG A 245 7.95 -11.73 -21.81
C ARG A 245 8.89 -12.60 -20.98
N HIS A 246 9.01 -12.28 -19.69
CA HIS A 246 9.80 -13.07 -18.73
C HIS A 246 8.94 -14.14 -18.05
N GLU A 247 8.26 -14.97 -18.84
CA GLU A 247 7.53 -16.14 -18.34
C GLU A 247 8.18 -17.40 -18.91
N TYR A 248 8.33 -18.41 -18.06
CA TYR A 248 9.09 -19.60 -18.38
C TYR A 248 8.29 -20.86 -18.07
N LEU A 249 8.48 -21.89 -18.90
CA LEU A 249 7.80 -23.16 -18.73
C LEU A 249 8.82 -24.21 -18.31
N TYR A 250 8.60 -24.82 -17.15
CA TYR A 250 9.49 -25.86 -16.62
C TYR A 250 8.79 -26.67 -15.53
N GLY A 251 9.49 -27.69 -15.01
CA GLY A 251 9.01 -28.49 -13.90
C GLY A 251 8.06 -29.59 -14.32
N SER A 252 7.60 -30.35 -13.34
CA SER A 252 6.76 -31.54 -13.57
C SER A 252 5.28 -31.19 -13.68
N TYR A 253 4.91 -30.50 -14.77
CA TYR A 253 3.51 -30.11 -15.02
C TYR A 253 3.20 -30.23 -16.51
N PRO A 254 1.93 -30.43 -16.88
CA PRO A 254 1.59 -30.55 -18.30
C PRO A 254 1.42 -29.17 -18.93
N LEU A 255 1.60 -29.08 -20.25
CA LEU A 255 1.49 -27.81 -20.98
C LEU A 255 0.19 -27.05 -20.68
N CYS A 256 -0.93 -27.79 -20.63
CA CYS A 256 -2.25 -27.20 -20.40
C CYS A 256 -2.40 -26.44 -19.06
N GLN A 257 -1.68 -26.87 -18.01
CA GLN A 257 -1.72 -26.16 -16.71
C GLN A 257 -1.05 -24.77 -16.71
N PHE A 258 -0.15 -24.52 -17.66
CA PHE A 258 0.51 -23.20 -17.76
C PHE A 258 -0.46 -22.17 -18.32
N GLN A 259 -0.42 -20.95 -17.77
CA GLN A 259 -1.36 -19.89 -18.16
C GLN A 259 -1.18 -19.44 -19.62
N TYR A 260 0.06 -19.42 -20.11
CA TYR A 260 0.34 -19.05 -21.50
C TYR A 260 -0.28 -20.02 -22.51
N ILE A 261 -0.09 -21.31 -22.28
CA ILE A 261 -0.62 -22.35 -23.17
C ILE A 261 -2.13 -22.41 -23.06
N CYS A 262 -2.63 -22.38 -21.82
CA CYS A 262 -4.07 -22.34 -21.53
C CYS A 262 -4.77 -21.17 -22.21
N SER A 263 -4.13 -20.01 -22.18
CA SER A 263 -4.60 -18.81 -22.88
C SER A 263 -4.67 -19.03 -24.40
N CYS A 264 -3.58 -19.55 -24.96
CA CYS A 264 -3.48 -19.84 -26.40
C CYS A 264 -4.48 -20.89 -26.88
N LEU A 265 -4.64 -21.96 -26.12
CA LEU A 265 -5.62 -23.03 -26.42
C LEU A 265 -7.07 -22.53 -26.45
N HIS A 266 -7.43 -21.68 -25.50
CA HIS A 266 -8.79 -21.15 -25.38
C HIS A 266 -9.09 -20.18 -26.54
N SER A 267 -8.18 -19.21 -26.74
CA SER A 267 -8.28 -18.25 -27.85
C SER A 267 -8.15 -18.91 -29.23
N GLY A 268 -7.38 -19.99 -29.30
CA GLY A 268 -7.12 -20.71 -30.56
C GLY A 268 -5.73 -20.47 -31.14
N LEU A 269 -4.98 -19.54 -30.56
CA LEU A 269 -3.67 -19.12 -31.10
C LEU A 269 -2.57 -20.16 -30.87
N THR A 270 -1.44 -19.94 -31.56
CA THR A 270 -0.27 -20.83 -31.51
C THR A 270 0.75 -20.27 -30.52
N PRO A 271 1.22 -21.09 -29.55
CA PRO A 271 2.26 -20.61 -28.64
C PRO A 271 3.62 -20.41 -29.31
N HIS A 272 4.30 -19.31 -28.97
CA HIS A 272 5.63 -18.99 -29.49
C HIS A 272 6.64 -18.99 -28.35
N LEU A 273 7.46 -20.04 -28.29
CA LEU A 273 8.46 -20.21 -27.23
C LEU A 273 9.89 -20.16 -27.77
N THR A 274 10.83 -19.95 -26.85
CA THR A 274 12.27 -19.89 -27.15
C THR A 274 13.03 -20.82 -26.22
N MET A 275 14.09 -21.44 -26.75
CA MET A 275 14.91 -22.40 -26.01
C MET A 275 16.16 -21.69 -25.51
N VAL A 276 16.19 -21.39 -24.21
CA VAL A 276 17.30 -20.66 -23.58
C VAL A 276 18.19 -21.64 -22.78
N HIS A 277 19.51 -21.51 -22.96
CA HIS A 277 20.49 -22.40 -22.33
C HIS A 277 20.77 -22.01 -20.88
N SER A 278 21.16 -23.00 -20.06
CA SER A 278 21.39 -22.81 -18.63
C SER A 278 22.46 -21.76 -18.30
N SER A 279 23.55 -21.76 -19.06
CA SER A 279 24.60 -20.74 -18.99
C SER A 279 24.09 -19.30 -19.21
N SER A 280 23.07 -19.17 -20.06
CA SER A 280 22.44 -17.88 -20.37
C SER A 280 21.60 -17.35 -19.20
N ILE A 281 21.17 -18.25 -18.31
CA ILE A 281 20.48 -17.88 -17.06
C ILE A 281 21.50 -17.51 -15.97
N LEU A 282 22.67 -18.15 -15.96
CA LEU A 282 23.78 -17.75 -15.08
C LEU A 282 24.21 -16.33 -15.40
N ALA A 283 24.18 -15.96 -16.68
CA ALA A 283 24.45 -14.59 -17.14
C ALA A 283 23.49 -13.55 -16.52
N MET A 284 22.23 -13.92 -16.35
CA MET A 284 21.25 -13.09 -15.60
C MET A 284 21.63 -13.06 -14.12
N ARG A 285 21.78 -14.25 -13.54
CA ARG A 285 22.01 -14.42 -12.10
C ARG A 285 23.22 -13.66 -11.52
N ASP A 286 24.34 -13.64 -12.25
CA ASP A 286 25.61 -13.16 -11.68
C ASP A 286 25.70 -11.64 -11.50
N GLU A 287 24.94 -11.14 -10.52
CA GLU A 287 24.99 -9.74 -10.07
C GLU A 287 25.00 -9.76 -8.53
N GLN A 288 26.10 -9.29 -7.93
CA GLN A 288 26.29 -9.32 -6.47
C GLN A 288 25.66 -8.10 -5.80
N SER A 314 9.61 -11.16 39.42
CA SER A 314 10.09 -9.82 39.74
C SER A 314 9.05 -8.73 39.44
N LEU A 315 8.40 -8.82 38.28
CA LEU A 315 7.30 -7.91 37.92
C LEU A 315 6.02 -8.22 38.73
N TRP A 316 5.70 -9.50 38.87
CA TRP A 316 4.48 -9.92 39.57
C TRP A 316 4.50 -9.70 41.09
N SER A 317 5.66 -9.40 41.65
CA SER A 317 5.77 -8.96 43.05
C SER A 317 5.24 -7.53 43.25
N LEU A 318 5.33 -6.68 42.23
CA LEU A 318 4.93 -5.27 42.33
C LEU A 318 3.41 -5.08 42.37
N GLU A 319 2.86 -5.13 43.59
CA GLU A 319 1.41 -4.93 43.81
C GLU A 319 0.98 -3.45 43.94
N GLN A 320 1.88 -2.52 43.61
CA GLN A 320 1.56 -1.08 43.60
C GLN A 320 0.58 -0.78 42.45
N PRO A 321 -0.40 0.13 42.68
CA PRO A 321 -1.28 0.55 41.57
C PRO A 321 -0.52 1.22 40.42
N PHE A 322 -0.99 1.05 39.19
CA PHE A 322 -0.42 1.77 38.05
C PHE A 322 -0.92 3.21 38.05
N ARG A 323 0.01 4.14 37.89
CA ARG A 323 -0.31 5.55 37.74
C ARG A 323 0.68 6.27 36.84
N ILE A 324 0.31 7.48 36.42
CA ILE A 324 1.17 8.33 35.61
C ILE A 324 1.03 9.80 36.02
N GLU A 325 2.07 10.58 35.74
CA GLU A 325 2.05 12.03 35.97
C GLU A 325 1.82 12.78 34.65
N LEU A 326 0.61 13.31 34.48
CA LEU A 326 0.31 14.18 33.34
C LEU A 326 0.83 15.60 33.62
N ILE A 327 1.89 16.00 32.93
CA ILE A 327 2.56 17.27 33.20
C ILE A 327 1.97 18.41 32.37
N GLN A 328 2.27 18.42 31.07
CA GLN A 328 2.00 19.58 30.20
C GLN A 328 1.51 19.16 28.82
N GLY A 329 0.71 20.03 28.20
CA GLY A 329 0.39 19.97 26.77
C GLY A 329 1.24 21.00 26.03
N SER A 330 1.27 20.89 24.70
CA SER A 330 2.08 21.76 23.84
C SER A 330 1.50 21.93 22.45
N LYS A 331 1.68 23.11 21.87
CA LYS A 331 1.21 23.43 20.52
C LYS A 331 -0.29 23.13 20.27
N VAL A 332 -1.11 23.33 21.31
CA VAL A 332 -2.55 23.08 21.25
C VAL A 332 -3.23 24.27 20.55
N ASN A 333 -4.27 23.98 19.77
CA ASN A 333 -5.00 24.97 18.97
C ASN A 333 -6.49 24.82 19.20
N ALA A 334 -7.05 25.66 20.06
CA ALA A 334 -8.44 25.51 20.48
C ALA A 334 -9.13 26.84 20.75
N ASP A 335 -10.44 26.77 20.95
CA ASP A 335 -11.27 27.93 21.28
C ASP A 335 -10.96 28.38 22.71
N GLU A 336 -10.52 29.63 22.86
CA GLU A 336 -10.13 30.18 24.17
C GLU A 336 -11.28 30.28 25.19
N ARG A 337 -12.51 30.31 24.69
CA ARG A 337 -13.72 30.29 25.52
C ARG A 337 -13.87 28.95 26.25
N MET A 338 -13.58 27.86 25.56
CA MET A 338 -13.65 26.50 26.11
C MET A 338 -12.49 26.21 27.07
N LYS A 339 -12.51 25.01 27.67
CA LYS A 339 -11.43 24.52 28.54
C LYS A 339 -10.95 23.14 28.05
N LEU A 340 -9.72 22.78 28.42
CA LEU A 340 -9.09 21.52 27.96
C LEU A 340 -9.12 20.42 29.01
N VAL A 341 -9.39 19.19 28.56
CA VAL A 341 -9.34 18.00 29.41
C VAL A 341 -8.61 16.87 28.68
N VAL A 342 -7.78 16.13 29.41
CA VAL A 342 -7.16 14.90 28.92
C VAL A 342 -7.85 13.71 29.58
N GLN A 343 -8.52 12.89 28.76
CA GLN A 343 -9.00 11.57 29.20
C GLN A 343 -7.94 10.51 28.89
N ALA A 344 -7.76 9.59 29.83
CA ALA A 344 -6.76 8.52 29.71
C ALA A 344 -7.40 7.18 30.01
N GLY A 345 -6.93 6.14 29.32
CA GLY A 345 -7.42 4.77 29.51
C GLY A 345 -6.37 3.75 29.14
N LEU A 346 -6.40 2.60 29.80
CA LEU A 346 -5.51 1.47 29.49
C LEU A 346 -6.25 0.48 28.61
N PHE A 347 -5.54 -0.12 27.66
CA PHE A 347 -6.15 -1.06 26.71
C PHE A 347 -5.29 -2.26 26.36
N HIS A 348 -5.97 -3.34 25.99
CA HIS A 348 -5.35 -4.52 25.39
C HIS A 348 -6.25 -4.93 24.23
N GLY A 349 -5.84 -4.56 23.01
CA GLY A 349 -6.68 -4.74 21.82
C GLY A 349 -7.84 -3.76 21.84
N ASN A 350 -9.05 -4.28 21.62
CA ASN A 350 -10.28 -3.48 21.78
C ASN A 350 -10.64 -3.24 23.26
N GLU A 351 -10.41 -4.26 24.10
CA GLU A 351 -10.93 -4.29 25.46
C GLU A 351 -10.21 -3.33 26.43
N MET A 352 -10.98 -2.70 27.31
CA MET A 352 -10.44 -1.92 28.42
C MET A 352 -9.95 -2.85 29.52
N LEU A 353 -8.88 -2.44 30.19
CA LEU A 353 -8.31 -3.18 31.32
C LEU A 353 -8.84 -2.67 32.66
N CYS A 354 -9.23 -1.39 32.71
CA CYS A 354 -9.90 -0.79 33.87
C CYS A 354 -10.66 0.47 33.46
N LYS A 355 -11.31 1.14 34.42
CA LYS A 355 -12.06 2.37 34.15
C LYS A 355 -11.15 3.54 33.70
N THR A 356 -11.71 4.44 32.88
CA THR A 356 -10.94 5.50 32.23
C THR A 356 -10.99 6.81 33.01
N VAL A 357 -9.85 7.19 33.60
CA VAL A 357 -9.77 8.39 34.43
C VAL A 357 -9.58 9.66 33.59
N SER A 358 -9.86 10.82 34.19
CA SER A 358 -9.83 12.11 33.51
C SER A 358 -9.12 13.20 34.31
N SER A 359 -8.83 14.32 33.64
CA SER A 359 -8.19 15.48 34.25
C SER A 359 -9.23 16.45 34.82
N SER A 360 -8.73 17.50 35.46
CA SER A 360 -9.53 18.67 35.79
C SER A 360 -9.55 19.62 34.60
N GLU A 361 -10.62 20.39 34.47
CA GLU A 361 -10.77 21.38 33.40
C GLU A 361 -9.79 22.55 33.58
N VAL A 362 -8.74 22.57 32.78
CA VAL A 362 -7.78 23.68 32.71
C VAL A 362 -8.15 24.54 31.50
N SER A 363 -7.92 25.85 31.60
CA SER A 363 -8.32 26.80 30.56
C SER A 363 -7.48 26.66 29.29
N VAL A 364 -8.12 26.89 28.13
CA VAL A 364 -7.49 26.71 26.82
C VAL A 364 -6.31 27.66 26.62
N CYS A 365 -5.16 27.09 26.26
CA CYS A 365 -4.03 27.85 25.73
C CYS A 365 -3.16 26.93 24.87
N SER A 366 -2.07 27.47 24.33
CA SER A 366 -1.10 26.70 23.56
C SER A 366 -0.35 25.66 24.39
N GLU A 367 0.05 26.05 25.60
CA GLU A 367 0.90 25.22 26.47
C GLU A 367 0.21 24.97 27.82
N PRO A 368 -0.90 24.21 27.83
CA PRO A 368 -1.64 23.97 29.08
C PRO A 368 -0.86 23.07 30.04
N VAL A 369 -0.85 23.45 31.33
CA VAL A 369 -0.12 22.73 32.37
C VAL A 369 -1.13 22.07 33.30
N TRP A 370 -0.93 20.77 33.58
CA TRP A 370 -1.80 20.01 34.48
C TRP A 370 -1.07 19.60 35.76
N LYS A 371 0.07 18.92 35.61
CA LYS A 371 0.85 18.35 36.72
C LYS A 371 0.01 17.47 37.67
N GLN A 372 -0.90 16.68 37.08
CA GLN A 372 -1.79 15.80 37.85
C GLN A 372 -1.19 14.41 37.98
N ARG A 373 -1.58 13.72 39.04
CA ARG A 373 -1.27 12.30 39.24
C ARG A 373 -2.50 11.51 38.81
N LEU A 374 -2.47 10.98 37.59
CA LEU A 374 -3.53 10.08 37.11
C LEU A 374 -3.25 8.64 37.57
N GLU A 375 -4.06 8.15 38.50
CA GLU A 375 -4.00 6.78 39.00
C GLU A 375 -5.10 5.94 38.35
N PHE A 376 -4.90 4.62 38.29
CA PHE A 376 -5.80 3.71 37.58
C PHE A 376 -6.21 2.53 38.44
N ASP A 377 -7.37 1.94 38.13
CA ASP A 377 -7.92 0.80 38.88
C ASP A 377 -7.33 -0.52 38.38
N ILE A 378 -6.00 -0.63 38.46
CA ILE A 378 -5.26 -1.84 38.10
C ILE A 378 -3.82 -1.73 38.63
N ASN A 379 -3.29 -2.84 39.16
CA ASN A 379 -1.89 -2.88 39.61
C ASN A 379 -0.90 -3.03 38.44
N ILE A 380 0.37 -2.73 38.73
CA ILE A 380 1.47 -2.90 37.76
C ILE A 380 1.67 -4.37 37.42
N CYS A 381 1.61 -5.25 38.42
CA CYS A 381 1.74 -6.70 38.23
C CYS A 381 0.65 -7.32 37.33
N ASP A 382 -0.53 -6.70 37.28
CA ASP A 382 -1.63 -7.13 36.40
C ASP A 382 -1.44 -6.79 34.92
N LEU A 383 -0.60 -5.78 34.62
CA LEU A 383 -0.44 -5.26 33.25
C LEU A 383 0.06 -6.32 32.27
N PRO A 384 -0.71 -6.63 31.20
CA PRO A 384 -0.26 -7.64 30.23
C PRO A 384 0.88 -7.14 29.34
N ARG A 385 1.52 -8.06 28.62
CA ARG A 385 2.66 -7.73 27.75
C ARG A 385 2.32 -6.56 26.83
N MET A 386 1.22 -6.68 26.10
CA MET A 386 0.83 -5.68 25.11
C MET A 386 -0.12 -4.62 25.68
N ALA A 387 0.17 -4.14 26.88
CA ALA A 387 -0.65 -3.11 27.53
C ALA A 387 -0.42 -1.76 26.86
N ARG A 388 -1.50 -1.00 26.73
CA ARG A 388 -1.56 0.16 25.85
C ARG A 388 -2.24 1.36 26.54
N LEU A 389 -1.44 2.32 27.00
CA LEU A 389 -1.96 3.57 27.55
C LEU A 389 -2.37 4.48 26.40
N CYS A 390 -3.61 4.99 26.47
CA CYS A 390 -4.24 5.72 25.38
C CYS A 390 -4.80 7.04 25.87
N PHE A 391 -4.30 8.14 25.29
CA PHE A 391 -4.74 9.50 25.63
C PHE A 391 -5.61 10.11 24.55
N ALA A 392 -6.51 11.00 24.97
CA ALA A 392 -7.19 11.92 24.04
C ALA A 392 -7.34 13.30 24.70
N LEU A 393 -6.91 14.34 23.98
CA LEU A 393 -7.11 15.72 24.40
C LEU A 393 -8.48 16.17 23.92
N TYR A 394 -9.29 16.66 24.86
CA TYR A 394 -10.65 17.13 24.60
C TYR A 394 -10.78 18.61 24.94
N ALA A 395 -11.61 19.32 24.19
CA ALA A 395 -11.98 20.70 24.48
C ALA A 395 -13.47 20.76 24.83
N VAL A 396 -13.78 21.29 26.01
CA VAL A 396 -15.12 21.22 26.60
C VAL A 396 -15.56 22.58 27.14
N ILE A 397 -16.88 22.78 27.20
CA ILE A 397 -17.47 23.92 27.91
C ILE A 397 -17.31 23.64 29.41
N GLU A 398 -16.88 24.66 30.17
CA GLU A 398 -16.52 24.49 31.60
C GLU A 398 -17.61 23.88 32.50
N LYS A 399 -18.89 24.15 32.17
CA LYS A 399 -20.08 23.75 32.95
C LYS A 399 -20.26 24.65 34.17
N ASP A 414 -19.13 18.15 22.78
CA ASP A 414 -17.72 18.04 23.15
C ASP A 414 -16.82 17.79 21.94
N CYS A 415 -15.63 18.40 21.98
CA CYS A 415 -14.67 18.33 20.87
C CYS A 415 -13.46 17.45 21.23
N PRO A 416 -13.32 16.28 20.56
CA PRO A 416 -12.04 15.59 20.61
C PRO A 416 -11.02 16.32 19.74
N ILE A 417 -9.94 16.81 20.36
CA ILE A 417 -8.91 17.56 19.65
C ILE A 417 -7.95 16.58 18.97
N ALA A 418 -7.33 15.74 19.79
CA ALA A 418 -6.24 14.88 19.36
C ALA A 418 -6.16 13.62 20.23
N TRP A 419 -5.28 12.70 19.85
CA TRP A 419 -5.08 11.45 20.56
C TRP A 419 -3.65 10.92 20.42
N ALA A 420 -3.28 10.01 21.32
CA ALA A 420 -1.96 9.38 21.30
C ALA A 420 -1.95 8.10 22.13
N ASN A 421 -1.49 7.00 21.54
CA ASN A 421 -1.33 5.72 22.23
C ASN A 421 0.13 5.46 22.53
N LEU A 422 0.36 4.62 23.54
CA LEU A 422 1.70 4.33 24.05
C LEU A 422 1.71 2.94 24.68
N MET A 423 2.68 2.11 24.28
CA MET A 423 2.93 0.82 24.95
C MET A 423 3.61 1.10 26.27
N LEU A 424 3.14 0.46 27.33
CA LEU A 424 3.76 0.59 28.66
C LEU A 424 5.10 -0.14 28.73
N PHE A 425 5.21 -1.27 28.03
CA PHE A 425 6.46 -2.01 27.90
C PHE A 425 7.14 -1.67 26.57
N ASP A 426 8.46 -1.67 26.55
CA ASP A 426 9.23 -1.36 25.32
C ASP A 426 9.45 -2.62 24.49
N TYR A 427 10.17 -2.48 23.37
CA TYR A 427 10.46 -3.60 22.46
C TYR A 427 11.35 -4.73 23.02
N LYS A 428 12.13 -4.43 24.06
CA LYS A 428 12.95 -5.44 24.77
C LYS A 428 12.29 -5.99 26.06
N ASP A 429 10.96 -5.83 26.18
CA ASP A 429 10.14 -6.31 27.32
C ASP A 429 10.20 -5.46 28.61
N GLN A 430 10.95 -4.36 28.61
CA GLN A 430 11.11 -3.51 29.81
C GLN A 430 9.90 -2.62 30.01
N LEU A 431 9.39 -2.57 31.24
CA LEU A 431 8.37 -1.59 31.64
C LEU A 431 8.99 -0.20 31.63
N LYS A 432 8.35 0.73 30.93
CA LYS A 432 8.92 2.06 30.69
C LYS A 432 8.90 2.93 31.93
N THR A 433 9.93 3.75 32.10
CA THR A 433 10.03 4.71 33.20
C THR A 433 10.60 6.02 32.70
N GLY A 434 10.13 7.12 33.30
CA GLY A 434 10.62 8.46 32.97
C GLY A 434 9.74 9.19 31.97
N GLU A 435 10.24 10.34 31.52
CA GLU A 435 9.45 11.25 30.68
C GLU A 435 9.34 10.79 29.23
N ARG A 436 8.10 10.63 28.78
CA ARG A 436 7.78 10.44 27.36
C ARG A 436 7.09 11.72 26.89
N CYS A 437 7.42 12.12 25.66
CA CYS A 437 6.75 13.22 24.99
C CYS A 437 6.01 12.64 23.78
N LEU A 438 4.70 12.45 23.93
CA LEU A 438 3.85 11.85 22.89
C LEU A 438 3.34 12.95 21.97
N TYR A 439 3.78 12.94 20.71
CA TYR A 439 3.28 13.88 19.71
C TYR A 439 1.98 13.31 19.15
N MET A 440 0.89 14.04 19.35
CA MET A 440 -0.47 13.52 19.15
C MET A 440 -0.92 13.67 17.70
N TRP A 441 -1.88 12.83 17.31
CA TRP A 441 -2.56 12.91 16.00
C TRP A 441 -3.90 13.57 16.19
N PRO A 442 -4.39 14.28 15.15
CA PRO A 442 -5.68 14.95 15.30
C PRO A 442 -6.85 13.97 15.21
N SER A 443 -7.85 14.17 16.05
CA SER A 443 -9.03 13.33 16.04
C SER A 443 -9.90 13.71 14.85
N VAL A 444 -10.49 12.71 14.21
CA VAL A 444 -11.45 12.89 13.13
C VAL A 444 -12.82 12.51 13.71
N PRO A 445 -13.86 13.29 13.39
CA PRO A 445 -15.20 12.92 13.87
C PRO A 445 -15.80 11.83 13.01
N ASP A 446 -16.45 10.85 13.64
CA ASP A 446 -17.00 9.68 12.93
C ASP A 446 -18.20 9.09 13.66
N GLU A 447 -18.89 8.16 12.99
CA GLU A 447 -20.16 7.57 13.48
C GLU A 447 -20.06 7.00 14.91
N LYS A 448 -19.30 5.92 15.09
CA LYS A 448 -19.07 5.35 16.41
C LYS A 448 -18.08 6.23 17.17
N GLY A 449 -18.60 7.27 17.80
CA GLY A 449 -17.77 8.28 18.45
C GLY A 449 -17.29 7.86 19.83
N GLU A 450 -16.23 7.05 19.86
CA GLU A 450 -15.64 6.58 21.11
C GLU A 450 -14.88 7.70 21.81
N LEU A 451 -14.68 7.53 23.12
CA LEU A 451 -13.93 8.49 23.93
C LEU A 451 -12.47 8.53 23.49
N LEU A 452 -11.85 7.35 23.50
CA LEU A 452 -10.45 7.17 23.12
C LEU A 452 -10.36 6.40 21.81
N ASN A 453 -9.14 6.31 21.28
CA ASN A 453 -8.85 5.65 20.00
C ASN A 453 -7.77 4.56 20.20
N PRO A 454 -8.16 3.44 20.85
CA PRO A 454 -7.19 2.38 21.14
C PRO A 454 -6.75 1.56 19.91
N THR A 455 -7.58 1.51 18.86
CA THR A 455 -7.21 0.83 17.61
C THR A 455 -6.12 1.57 16.81
N GLY A 456 -5.96 2.87 17.05
CA GLY A 456 -4.99 3.69 16.34
C GLY A 456 -3.55 3.36 16.69
N THR A 457 -2.63 3.78 15.82
CA THR A 457 -1.20 3.46 15.93
C THR A 457 -0.55 3.93 17.24
N VAL A 458 0.54 3.26 17.61
CA VAL A 458 1.38 3.62 18.77
C VAL A 458 2.59 4.46 18.34
N ARG A 459 2.83 4.55 17.03
CA ARG A 459 3.95 5.34 16.51
C ARG A 459 3.64 6.82 16.71
N SER A 460 4.66 7.60 17.10
CA SER A 460 4.48 9.04 17.31
C SER A 460 4.25 9.79 15.99
N ASN A 461 3.63 10.97 16.10
CA ASN A 461 3.44 11.86 14.95
C ASN A 461 4.83 12.33 14.50
N PRO A 462 5.20 12.07 13.23
CA PRO A 462 6.50 12.53 12.73
C PRO A 462 6.64 14.04 12.46
N ASN A 463 5.53 14.78 12.48
CA ASN A 463 5.58 16.25 12.45
C ASN A 463 5.89 16.78 13.86
N THR A 464 7.14 16.60 14.30
CA THR A 464 7.53 16.95 15.67
C THR A 464 7.58 18.46 15.93
N ASP A 465 7.90 19.24 14.90
CA ASP A 465 8.05 20.70 15.03
C ASP A 465 6.72 21.44 15.22
N SER A 466 5.68 21.01 14.50
CA SER A 466 4.39 21.73 14.45
C SER A 466 3.22 21.09 15.23
N ALA A 467 3.20 19.77 15.36
CA ALA A 467 2.04 19.06 15.91
C ALA A 467 1.91 19.22 17.42
N ALA A 468 0.66 19.18 17.91
CA ALA A 468 0.36 19.23 19.33
C ALA A 468 0.88 17.98 20.05
N ALA A 469 1.41 18.16 21.26
CA ALA A 469 2.04 17.08 22.02
C ALA A 469 1.67 17.12 23.49
N LEU A 470 1.85 15.97 24.16
CA LEU A 470 1.62 15.84 25.61
C LEU A 470 2.89 15.35 26.28
N LEU A 471 3.27 16.00 27.37
CA LEU A 471 4.37 15.54 28.24
C LEU A 471 3.78 14.78 29.42
N ILE A 472 4.30 13.57 29.65
CA ILE A 472 3.86 12.68 30.72
C ILE A 472 5.11 12.10 31.39
N CYS A 473 4.91 11.35 32.47
CA CYS A 473 6.04 10.79 33.23
C CYS A 473 5.63 9.54 34.00
N LEU A 474 6.14 8.39 33.56
CA LEU A 474 5.93 7.11 34.25
C LEU A 474 6.86 7.06 35.46
N PRO A 475 6.31 6.74 36.66
CA PRO A 475 7.11 6.84 37.89
C PRO A 475 8.13 5.71 38.03
N GLU A 476 9.10 5.89 38.92
CA GLU A 476 10.12 4.87 39.19
C GLU A 476 9.51 3.78 40.07
N VAL A 477 9.13 2.66 39.43
CA VAL A 477 8.50 1.53 40.12
C VAL A 477 9.45 0.70 40.98
N ALA A 478 10.75 0.78 40.72
CA ALA A 478 11.77 0.01 41.44
C ALA A 478 13.17 0.57 41.15
N PRO A 479 14.15 0.33 42.05
CA PRO A 479 15.53 0.84 41.84
C PRO A 479 16.18 0.29 40.56
N HIS A 480 16.27 -1.04 40.44
CA HIS A 480 16.66 -1.69 39.19
C HIS A 480 15.45 -1.73 38.26
N PRO A 481 15.67 -1.75 36.93
CA PRO A 481 14.54 -1.81 36.00
C PRO A 481 13.84 -3.18 36.03
N VAL A 482 12.64 -3.24 35.45
CA VAL A 482 11.83 -4.47 35.47
C VAL A 482 11.35 -4.85 34.07
N TYR A 483 11.47 -6.14 33.76
CA TYR A 483 11.01 -6.71 32.50
C TYR A 483 9.74 -7.52 32.73
N TYR A 484 9.02 -7.79 31.65
CA TYR A 484 7.94 -8.75 31.67
C TYR A 484 8.57 -10.14 31.73
N PRO A 485 8.02 -11.07 32.53
CA PRO A 485 8.67 -12.39 32.65
C PRO A 485 8.77 -13.15 31.32
N ALA A 486 9.82 -13.94 31.18
CA ALA A 486 10.01 -14.77 30.00
C ALA A 486 9.04 -15.96 29.99
N LEU A 487 8.89 -16.57 28.81
CA LEU A 487 8.05 -17.77 28.60
C LEU A 487 8.24 -18.84 29.69
N GLU A 488 9.49 -19.08 30.07
CA GLU A 488 9.83 -20.13 31.03
C GLU A 488 9.22 -19.86 32.41
N LYS A 489 9.23 -18.60 32.82
CA LYS A 489 8.57 -18.16 34.07
C LYS A 489 7.04 -18.07 33.93
N ILE A 490 6.56 -17.77 32.71
CA ILE A 490 5.11 -17.78 32.41
C ILE A 490 4.51 -19.19 32.48
N LEU A 491 5.27 -20.18 31.99
CA LEU A 491 4.86 -21.59 32.05
C LEU A 491 4.92 -22.21 33.46
N GLU A 492 5.50 -21.49 34.42
CA GLU A 492 5.40 -21.86 35.84
C GLU A 492 3.95 -21.71 36.31
N LEU A 493 3.36 -20.53 36.08
CA LEU A 493 1.93 -20.30 36.29
C LEU A 493 1.18 -20.74 35.02
N GLY A 494 1.06 -22.05 34.84
CA GLY A 494 0.49 -22.61 33.62
C GLY A 494 0.01 -24.03 33.81
N ARG A 495 0.93 -24.88 34.29
CA ARG A 495 0.60 -26.24 34.72
C ARG A 495 -0.46 -26.26 35.84
N HIS A 496 -0.52 -25.17 36.62
CA HIS A 496 -1.53 -25.01 37.67
C HIS A 496 -2.80 -24.38 37.10
N GLU A 504 -21.54 -34.73 30.61
CA GLU A 504 -21.75 -33.65 31.59
C GLU A 504 -22.69 -32.56 31.06
N GLU A 505 -23.29 -31.84 32.01
CA GLU A 505 -24.04 -30.61 31.72
C GLU A 505 -23.13 -29.58 31.07
N GLU A 506 -21.93 -29.44 31.63
CA GLU A 506 -20.89 -28.53 31.15
C GLU A 506 -20.47 -28.80 29.70
N GLN A 507 -20.40 -30.08 29.32
CA GLN A 507 -20.00 -30.49 27.96
C GLN A 507 -21.06 -30.11 26.92
N LEU A 508 -22.32 -30.35 27.25
CA LEU A 508 -23.45 -29.98 26.36
C LEU A 508 -23.62 -28.47 26.24
N GLN A 509 -23.52 -27.77 27.38
CA GLN A 509 -23.56 -26.30 27.42
C GLN A 509 -22.46 -25.65 26.59
N LEU A 510 -21.24 -26.20 26.67
CA LEU A 510 -20.08 -25.67 25.93
C LEU A 510 -20.22 -25.86 24.42
N ARG A 511 -20.59 -27.07 24.00
CA ARG A 511 -20.80 -27.39 22.58
C ARG A 511 -21.82 -26.43 21.94
N GLU A 512 -22.99 -26.31 22.56
CA GLU A 512 -24.05 -25.40 22.09
C GLU A 512 -23.54 -23.98 21.84
N ILE A 513 -22.70 -23.47 22.73
CA ILE A 513 -22.10 -22.13 22.61
C ILE A 513 -21.17 -22.05 21.39
N LEU A 514 -20.26 -23.01 21.27
CA LEU A 514 -19.25 -23.01 20.19
C LEU A 514 -19.76 -23.53 18.84
N GLU A 515 -20.87 -24.27 18.85
CA GLU A 515 -21.53 -24.72 17.60
C GLU A 515 -22.16 -23.57 16.78
N ARG A 516 -22.40 -22.41 17.42
CA ARG A 516 -22.85 -21.19 16.74
C ARG A 516 -21.75 -20.13 16.77
N TYR A 523 -21.44 -13.57 25.42
CA TYR A 523 -22.11 -13.08 26.62
C TYR A 523 -21.39 -13.49 27.91
N GLU A 524 -21.75 -12.86 29.02
CA GLU A 524 -20.95 -12.89 30.25
C GLU A 524 -21.04 -14.20 31.02
N HIS A 525 -22.24 -14.78 31.11
CA HIS A 525 -22.42 -16.12 31.69
C HIS A 525 -21.69 -17.17 30.84
N GLU A 526 -21.74 -17.00 29.53
CA GLU A 526 -21.04 -17.87 28.57
C GLU A 526 -19.51 -17.74 28.69
N LYS A 527 -19.03 -16.51 28.83
CA LYS A 527 -17.59 -16.22 29.00
C LYS A 527 -16.97 -16.96 30.20
N ASP A 528 -17.64 -16.91 31.35
CA ASP A 528 -17.17 -17.59 32.56
C ASP A 528 -17.17 -19.12 32.44
N LEU A 529 -18.09 -19.67 31.65
CA LEU A 529 -18.14 -21.11 31.39
C LEU A 529 -17.02 -21.58 30.48
N VAL A 530 -16.79 -20.81 29.41
CA VAL A 530 -15.71 -21.11 28.46
C VAL A 530 -14.35 -21.06 29.16
N TRP A 531 -14.17 -20.09 30.05
CA TRP A 531 -12.92 -19.94 30.81
C TRP A 531 -12.67 -21.13 31.73
N LYS A 532 -13.71 -21.54 32.46
CA LYS A 532 -13.64 -22.72 33.34
C LYS A 532 -13.33 -24.00 32.56
N LEU A 533 -13.90 -24.13 31.36
CA LEU A 533 -13.66 -25.27 30.47
C LEU A 533 -12.62 -24.95 29.38
N ARG A 534 -11.60 -24.17 29.76
CA ARG A 534 -10.53 -23.78 28.83
C ARG A 534 -9.70 -24.96 28.32
N HIS A 535 -9.51 -25.98 29.17
CA HIS A 535 -8.80 -27.20 28.76
C HIS A 535 -9.65 -28.08 27.81
N GLU A 536 -10.97 -28.00 27.96
CA GLU A 536 -11.90 -28.74 27.07
C GLU A 536 -11.95 -28.16 25.66
N VAL A 537 -11.82 -26.83 25.55
CA VAL A 537 -11.76 -26.16 24.25
C VAL A 537 -10.51 -26.59 23.48
N GLN A 538 -9.37 -26.67 24.17
CA GLN A 538 -8.11 -27.12 23.56
C GLN A 538 -8.22 -28.55 23.01
N GLU A 539 -8.86 -29.43 23.78
CA GLU A 539 -9.00 -30.84 23.42
C GLU A 539 -10.05 -31.07 22.34
N HIS A 540 -11.24 -30.51 22.53
CA HIS A 540 -12.42 -30.80 21.69
C HIS A 540 -12.87 -29.72 20.70
N PHE A 541 -12.39 -28.47 20.86
CA PHE A 541 -12.76 -27.38 19.95
C PHE A 541 -11.54 -26.51 19.58
N PRO A 542 -10.50 -27.12 18.99
CA PRO A 542 -9.28 -26.37 18.66
C PRO A 542 -9.53 -25.11 17.80
N GLU A 543 -10.44 -25.19 16.83
CA GLU A 543 -10.82 -24.03 16.01
C GLU A 543 -11.49 -22.87 16.78
N ALA A 544 -11.96 -23.14 18.01
CA ALA A 544 -12.53 -22.09 18.88
C ALA A 544 -11.50 -21.30 19.73
N LEU A 545 -10.20 -21.44 19.42
CA LEU A 545 -9.14 -20.68 20.11
C LEU A 545 -9.42 -19.19 20.18
N ALA A 546 -9.82 -18.60 19.05
CA ALA A 546 -10.14 -17.17 18.95
C ALA A 546 -11.20 -16.74 19.97
N ARG A 547 -12.29 -17.50 20.06
CA ARG A 547 -13.33 -17.25 21.05
C ARG A 547 -12.77 -17.26 22.47
N LEU A 548 -11.91 -18.23 22.75
CA LEU A 548 -11.31 -18.39 24.07
C LEU A 548 -10.35 -17.26 24.45
N LEU A 549 -9.61 -16.73 23.49
CA LEU A 549 -8.71 -15.60 23.77
C LEU A 549 -9.48 -14.37 24.24
N LEU A 550 -10.65 -14.12 23.63
CA LEU A 550 -11.45 -12.94 23.96
C LEU A 550 -12.13 -13.01 25.32
N VAL A 551 -12.51 -14.21 25.76
CA VAL A 551 -13.10 -14.39 27.09
C VAL A 551 -12.07 -14.29 28.23
N THR A 552 -10.79 -14.44 27.89
CA THR A 552 -9.71 -14.37 28.87
C THR A 552 -9.58 -12.96 29.43
N LYS A 553 -9.45 -12.86 30.76
CA LYS A 553 -9.37 -11.58 31.45
C LYS A 553 -7.91 -11.13 31.47
N TRP A 554 -7.54 -10.31 30.48
CA TRP A 554 -6.17 -9.84 30.31
C TRP A 554 -5.75 -8.79 31.34
N ASN A 555 -6.71 -8.26 32.10
CA ASN A 555 -6.44 -7.41 33.27
C ASN A 555 -6.11 -8.18 34.57
N LYS A 556 -6.06 -9.52 34.50
CA LYS A 556 -5.56 -10.35 35.60
C LYS A 556 -4.39 -11.21 35.10
N HIS A 557 -3.21 -11.05 35.70
CA HIS A 557 -1.99 -11.73 35.22
C HIS A 557 -1.97 -13.25 35.43
N GLU A 558 -2.78 -13.74 36.37
CA GLU A 558 -2.95 -15.18 36.57
C GLU A 558 -3.66 -15.82 35.38
N ASP A 559 -4.75 -15.20 34.93
CA ASP A 559 -5.48 -15.65 33.74
C ASP A 559 -4.58 -15.63 32.50
N VAL A 560 -3.86 -14.51 32.32
CA VAL A 560 -2.95 -14.32 31.19
C VAL A 560 -1.98 -15.51 31.05
N ALA A 561 -1.32 -15.85 32.15
CA ALA A 561 -0.32 -16.92 32.15
C ALA A 561 -0.93 -18.30 31.87
N GLN A 562 -2.08 -18.58 32.48
CA GLN A 562 -2.83 -19.82 32.24
C GLN A 562 -3.28 -19.98 30.77
N MET A 563 -3.65 -18.87 30.14
CA MET A 563 -4.04 -18.86 28.73
C MET A 563 -2.85 -19.12 27.81
N LEU A 564 -1.73 -18.45 28.09
CA LEU A 564 -0.50 -18.64 27.33
C LEU A 564 0.02 -20.08 27.42
N TYR A 565 -0.11 -20.69 28.59
CA TYR A 565 0.27 -22.10 28.79
C TYR A 565 -0.45 -23.03 27.81
N LEU A 566 -1.77 -22.86 27.71
CA LEU A 566 -2.58 -23.62 26.75
C LEU A 566 -2.17 -23.30 25.32
N LEU A 567 -1.93 -22.01 25.05
CA LEU A 567 -1.60 -21.54 23.70
C LEU A 567 -0.29 -22.12 23.15
N CYS A 568 0.71 -22.26 24.02
CA CYS A 568 2.02 -22.80 23.62
C CYS A 568 2.01 -24.28 23.23
N SER A 569 1.03 -25.03 23.74
CA SER A 569 0.81 -26.42 23.34
C SER A 569 -0.44 -26.56 22.45
N TRP A 570 -0.97 -25.45 21.95
CA TRP A 570 -2.20 -25.49 21.17
C TRP A 570 -1.91 -26.13 19.81
N PRO A 571 -2.79 -27.05 19.34
CA PRO A 571 -2.57 -27.66 18.02
C PRO A 571 -2.69 -26.68 16.85
N GLU A 572 -1.83 -26.88 15.84
CA GLU A 572 -1.78 -26.04 14.64
C GLU A 572 -3.15 -25.93 13.96
N LEU A 573 -3.55 -24.70 13.64
CA LEU A 573 -4.86 -24.44 13.03
C LEU A 573 -4.76 -24.21 11.52
N PRO A 574 -5.85 -24.50 10.77
CA PRO A 574 -5.88 -24.22 9.34
C PRO A 574 -5.64 -22.76 8.99
N VAL A 575 -5.11 -22.52 7.80
CA VAL A 575 -4.84 -21.16 7.31
C VAL A 575 -6.00 -20.19 7.58
N LEU A 576 -7.23 -20.64 7.34
CA LEU A 576 -8.43 -19.84 7.55
C LEU A 576 -8.55 -19.28 8.97
N SER A 577 -8.36 -20.15 9.95
CA SER A 577 -8.42 -19.75 11.37
C SER A 577 -7.28 -18.78 11.75
N ALA A 578 -6.09 -18.98 11.17
CA ALA A 578 -4.92 -18.14 11.45
C ALA A 578 -5.11 -16.69 10.98
N LEU A 579 -5.83 -16.54 9.86
CA LEU A 579 -6.15 -15.22 9.33
C LEU A 579 -7.00 -14.37 10.29
N GLU A 580 -7.93 -15.02 10.99
CA GLU A 580 -8.70 -14.36 12.06
C GLU A 580 -7.81 -13.91 13.21
N LEU A 581 -6.82 -14.72 13.57
CA LEU A 581 -5.94 -14.41 14.71
C LEU A 581 -4.99 -13.23 14.46
N LEU A 582 -4.85 -12.83 13.20
CA LEU A 582 -4.09 -11.63 12.85
C LEU A 582 -4.82 -10.30 13.12
N ASP A 583 -6.11 -10.37 13.44
CA ASP A 583 -6.94 -9.18 13.69
C ASP A 583 -6.50 -8.43 14.96
N PHE A 584 -6.86 -7.15 15.04
CA PHE A 584 -6.47 -6.28 16.17
C PHE A 584 -7.00 -6.73 17.55
N SER A 585 -8.10 -7.49 17.54
CA SER A 585 -8.64 -8.14 18.76
C SER A 585 -7.67 -9.10 19.47
N PHE A 586 -6.58 -9.49 18.80
CA PHE A 586 -5.61 -10.45 19.33
C PHE A 586 -4.21 -9.83 19.30
N PRO A 587 -3.94 -8.87 20.20
CA PRO A 587 -2.67 -8.14 20.19
C PRO A 587 -1.47 -8.91 20.74
N ASP A 588 -1.68 -9.86 21.65
CA ASP A 588 -0.56 -10.57 22.29
C ASP A 588 0.33 -11.26 21.25
N CYS A 589 1.64 -11.04 21.38
CA CYS A 589 2.63 -11.57 20.43
C CYS A 589 2.66 -13.11 20.35
N HIS A 590 2.28 -13.79 21.43
CA HIS A 590 2.17 -15.25 21.41
C HIS A 590 1.04 -15.72 20.51
N VAL A 591 -0.03 -14.94 20.44
CA VAL A 591 -1.12 -15.21 19.50
C VAL A 591 -0.64 -14.90 18.08
N GLY A 592 0.00 -13.74 17.93
CA GLY A 592 0.62 -13.34 16.67
C GLY A 592 1.57 -14.39 16.14
N SER A 593 2.48 -14.83 17.00
CA SER A 593 3.44 -15.90 16.67
C SER A 593 2.77 -17.20 16.24
N PHE A 594 1.71 -17.58 16.94
CA PHE A 594 0.93 -18.77 16.60
C PHE A 594 0.24 -18.65 15.23
N ALA A 595 -0.33 -17.47 14.96
CA ALA A 595 -1.00 -17.18 13.69
C ALA A 595 -0.05 -17.30 12.49
N ILE A 596 1.14 -16.69 12.61
CA ILE A 596 2.20 -16.82 11.60
C ILE A 596 2.64 -18.29 11.44
N LYS A 597 2.77 -19.01 12.56
CA LYS A 597 3.18 -20.41 12.55
C LYS A 597 2.25 -21.30 11.72
N SER A 598 0.95 -21.00 11.79
CA SER A 598 -0.07 -21.65 10.95
C SER A 598 -0.16 -21.14 9.50
N LEU A 599 0.46 -19.99 9.21
CA LEU A 599 0.55 -19.45 7.85
C LEU A 599 1.84 -19.80 7.11
N ARG A 600 2.76 -20.51 7.77
CA ARG A 600 3.99 -20.99 7.09
C ARG A 600 3.73 -22.11 6.09
N LYS A 601 2.56 -22.74 6.18
CA LYS A 601 2.17 -23.79 5.25
C LYS A 601 1.56 -23.26 3.95
N LEU A 602 1.35 -21.95 3.86
CA LEU A 602 0.86 -21.32 2.63
C LEU A 602 1.80 -21.61 1.46
N THR A 603 1.22 -21.80 0.26
CA THR A 603 1.97 -21.74 -0.99
C THR A 603 2.07 -20.28 -1.41
N ASP A 604 3.06 -19.97 -2.24
CA ASP A 604 3.24 -18.62 -2.78
C ASP A 604 2.00 -18.14 -3.54
N ASP A 605 1.35 -19.03 -4.31
CA ASP A 605 0.09 -18.71 -5.01
C ASP A 605 -0.98 -18.20 -4.05
N GLU A 606 -1.20 -18.96 -2.99
CA GLU A 606 -2.21 -18.64 -1.98
C GLU A 606 -1.81 -17.43 -1.14
N LEU A 607 -0.54 -17.38 -0.74
CA LEU A 607 0.02 -16.23 -0.02
C LEU A 607 -0.16 -14.94 -0.81
N PHE A 608 0.00 -15.04 -2.12
CA PHE A 608 -0.15 -13.88 -3.00
C PHE A 608 -1.59 -13.36 -3.01
N GLN A 609 -2.54 -14.28 -2.85
CA GLN A 609 -3.96 -13.96 -2.80
C GLN A 609 -4.33 -13.10 -1.58
N TYR A 610 -3.57 -13.26 -0.48
CA TYR A 610 -3.81 -12.51 0.75
C TYR A 610 -2.73 -11.49 1.10
N LEU A 611 -1.80 -11.21 0.17
CA LEU A 611 -0.65 -10.35 0.48
C LEU A 611 -1.07 -8.92 0.89
N LEU A 612 -2.06 -8.38 0.20
CA LEU A 612 -2.57 -7.04 0.51
C LEU A 612 -3.06 -6.94 1.96
N GLN A 613 -3.81 -7.94 2.42
CA GLN A 613 -4.38 -7.93 3.76
C GLN A 613 -3.28 -8.08 4.80
N LEU A 614 -2.29 -8.91 4.52
CA LEU A 614 -1.15 -9.09 5.41
C LEU A 614 -0.31 -7.81 5.55
N VAL A 615 -0.17 -7.06 4.46
CA VAL A 615 0.50 -5.75 4.49
C VAL A 615 -0.26 -4.73 5.37
N GLN A 616 -1.59 -4.73 5.33
CA GLN A 616 -2.38 -3.80 6.16
C GLN A 616 -2.29 -4.12 7.66
N VAL A 617 -2.32 -5.41 8.00
CA VAL A 617 -2.20 -5.89 9.41
C VAL A 617 -0.94 -5.38 10.14
N LEU A 618 0.11 -5.07 9.40
CA LEU A 618 1.30 -4.41 9.97
C LEU A 618 0.99 -3.07 10.68
N LYS A 619 -0.10 -2.41 10.29
CA LYS A 619 -0.53 -1.17 10.94
C LYS A 619 -1.07 -1.40 12.37
N TYR A 620 -1.53 -2.62 12.65
CA TYR A 620 -1.95 -3.02 14.00
C TYR A 620 -0.80 -3.42 14.91
N GLU A 621 0.39 -3.61 14.36
CA GLU A 621 1.53 -4.08 15.14
C GLU A 621 1.99 -3.00 16.11
N SER A 622 2.57 -3.43 17.23
CA SER A 622 3.02 -2.52 18.28
C SER A 622 4.50 -2.16 18.09
N TYR A 623 5.32 -3.17 17.83
CA TYR A 623 6.78 -3.04 17.72
C TYR A 623 7.24 -3.31 16.29
N LEU A 624 8.34 -2.68 15.90
CA LEU A 624 8.82 -2.75 14.51
C LEU A 624 9.30 -4.15 14.17
N ASP A 625 10.16 -4.70 15.02
CA ASP A 625 10.60 -6.09 14.90
C ASP A 625 9.44 -6.96 15.34
N CYS A 626 8.90 -7.74 14.41
CA CYS A 626 7.80 -8.66 14.70
C CYS A 626 7.75 -9.84 13.72
N GLU A 627 7.04 -10.88 14.12
CA GLU A 627 6.96 -12.14 13.37
C GLU A 627 6.39 -11.97 11.95
N LEU A 628 5.37 -11.12 11.80
CA LEU A 628 4.75 -10.88 10.51
C LEU A 628 5.69 -10.18 9.50
N THR A 629 6.49 -9.24 9.97
CA THR A 629 7.49 -8.57 9.12
C THR A 629 8.57 -9.56 8.68
N LYS A 630 9.07 -10.36 9.61
CA LYS A 630 10.08 -11.37 9.30
C LYS A 630 9.54 -12.37 8.27
N PHE A 631 8.31 -12.81 8.51
CA PHE A 631 7.59 -13.72 7.61
C PHE A 631 7.49 -13.16 6.21
N LEU A 632 7.02 -11.93 6.10
CA LEU A 632 6.84 -11.28 4.78
C LEU A 632 8.16 -11.08 4.04
N LEU A 633 9.20 -10.71 4.78
CA LEU A 633 10.54 -10.60 4.22
C LEU A 633 11.09 -11.95 3.76
N ASP A 634 10.85 -13.02 4.52
CA ASP A 634 11.26 -14.38 4.13
C ASP A 634 10.67 -14.75 2.77
N ARG A 635 9.36 -14.57 2.63
CA ARG A 635 8.65 -14.99 1.43
C ARG A 635 9.03 -14.13 0.23
N ALA A 636 9.26 -12.84 0.48
CA ALA A 636 9.68 -11.88 -0.57
C ALA A 636 11.07 -12.19 -1.12
N LEU A 637 11.98 -12.59 -0.25
CA LEU A 637 13.31 -12.99 -0.66
C LEU A 637 13.33 -14.36 -1.36
N ALA A 638 12.39 -15.25 -1.03
CA ALA A 638 12.31 -16.56 -1.67
C ALA A 638 11.54 -16.53 -3.00
N ASN A 639 10.72 -15.49 -3.20
CA ASN A 639 9.90 -15.33 -4.40
C ASN A 639 9.92 -13.87 -4.87
N ARG A 640 10.51 -13.63 -6.04
CA ARG A 640 10.68 -12.28 -6.60
C ARG A 640 9.36 -11.61 -6.99
N LYS A 641 8.32 -12.40 -7.27
CA LYS A 641 6.98 -11.87 -7.56
C LYS A 641 6.33 -11.33 -6.28
N ILE A 642 6.43 -12.10 -5.20
CA ILE A 642 5.90 -11.67 -3.90
C ILE A 642 6.64 -10.41 -3.42
N GLY A 643 7.96 -10.37 -3.63
CA GLY A 643 8.77 -9.21 -3.29
C GLY A 643 8.45 -7.97 -4.13
N HIS A 644 8.00 -8.18 -5.36
CA HIS A 644 7.60 -7.09 -6.23
C HIS A 644 6.33 -6.40 -5.72
N PHE A 645 5.30 -7.20 -5.47
CA PHE A 645 4.03 -6.67 -4.99
C PHE A 645 4.10 -6.25 -3.53
N LEU A 646 4.98 -6.86 -2.74
CA LEU A 646 5.27 -6.34 -1.40
C LEU A 646 5.87 -4.92 -1.49
N PHE A 647 6.93 -4.77 -2.29
CA PHE A 647 7.57 -3.46 -2.48
C PHE A 647 6.52 -2.39 -2.76
N TRP A 648 5.68 -2.63 -3.78
CA TRP A 648 4.73 -1.60 -4.22
C TRP A 648 3.61 -1.31 -3.24
N HIS A 649 3.08 -2.35 -2.58
CA HIS A 649 2.07 -2.16 -1.54
C HIS A 649 2.58 -1.21 -0.46
N LEU A 650 3.84 -1.39 -0.05
CA LEU A 650 4.47 -0.54 0.98
C LEU A 650 4.88 0.81 0.41
N ARG A 651 5.52 0.80 -0.77
CA ARG A 651 5.96 2.04 -1.44
C ARG A 651 4.80 3.03 -1.60
N SER A 652 3.63 2.52 -2.01
CA SER A 652 2.44 3.35 -2.22
C SER A 652 1.82 4.02 -0.98
N GLU A 653 2.33 3.75 0.23
CA GLU A 653 1.87 4.44 1.44
C GLU A 653 2.99 5.16 2.18
N MET A 654 4.10 5.42 1.50
CA MET A 654 5.24 6.12 2.11
C MET A 654 4.98 7.60 2.39
N HIS A 655 3.96 8.15 1.72
CA HIS A 655 3.48 9.50 1.98
C HIS A 655 2.66 9.58 3.30
N VAL A 656 2.14 8.45 3.76
CA VAL A 656 1.27 8.40 4.94
C VAL A 656 2.15 8.38 6.20
N PRO A 657 2.07 9.45 7.03
CA PRO A 657 3.00 9.58 8.15
C PRO A 657 2.93 8.44 9.18
N SER A 658 1.72 7.95 9.45
CA SER A 658 1.51 6.90 10.44
C SER A 658 2.22 5.58 10.13
N VAL A 659 2.51 5.32 8.85
CA VAL A 659 3.27 4.11 8.44
C VAL A 659 4.59 4.36 7.72
N ALA A 660 4.92 5.62 7.41
CA ALA A 660 6.17 5.95 6.70
C ALA A 660 7.42 5.28 7.27
N LEU A 661 7.57 5.30 8.59
CA LEU A 661 8.74 4.73 9.27
C LEU A 661 8.75 3.21 9.20
N ARG A 662 7.64 2.60 9.62
CA ARG A 662 7.53 1.14 9.64
C ARG A 662 7.75 0.57 8.25
N PHE A 663 7.00 1.09 7.29
CA PHE A 663 7.08 0.67 5.89
C PHE A 663 8.45 0.94 5.27
N GLY A 664 9.03 2.10 5.59
CA GLY A 664 10.33 2.50 5.07
C GLY A 664 11.48 1.58 5.44
N LEU A 665 11.46 1.11 6.69
CA LEU A 665 12.46 0.17 7.19
C LEU A 665 12.31 -1.23 6.55
N ILE A 666 11.07 -1.64 6.29
CA ILE A 666 10.83 -2.93 5.61
C ILE A 666 11.36 -2.88 4.18
N LEU A 667 11.08 -1.79 3.47
CA LEU A 667 11.59 -1.60 2.10
C LEU A 667 13.12 -1.58 2.04
N GLU A 668 13.75 -0.92 3.00
CA GLU A 668 15.21 -0.93 3.09
C GLU A 668 15.74 -2.37 3.19
N ALA A 669 15.20 -3.12 4.15
CA ALA A 669 15.60 -4.51 4.38
C ALA A 669 15.43 -5.35 3.13
N TYR A 670 14.25 -5.29 2.53
CA TYR A 670 13.96 -6.00 1.27
C TYR A 670 14.99 -5.66 0.19
N CYS A 671 15.23 -4.37 0.00
CA CYS A 671 16.20 -3.87 -0.99
C CYS A 671 17.60 -4.42 -0.81
N ARG A 672 18.04 -4.58 0.44
CA ARG A 672 19.36 -5.11 0.74
C ARG A 672 19.51 -6.59 0.43
N GLY A 673 18.41 -7.33 0.56
CA GLY A 673 18.36 -8.71 0.12
C GLY A 673 17.91 -8.89 -1.32
N SER A 674 17.78 -7.78 -2.07
CA SER A 674 17.25 -7.81 -3.44
C SER A 674 17.88 -6.73 -4.32
N THR A 675 19.21 -6.66 -4.30
CA THR A 675 19.96 -5.65 -5.06
C THR A 675 19.76 -5.77 -6.57
N HIS A 676 19.46 -6.98 -7.04
CA HIS A 676 19.13 -7.22 -8.44
C HIS A 676 17.81 -6.53 -8.76
N HIS A 677 16.76 -6.93 -8.04
CA HIS A 677 15.41 -6.42 -8.33
C HIS A 677 15.27 -4.93 -8.08
N MET A 678 15.97 -4.46 -7.05
CA MET A 678 16.17 -3.04 -6.79
C MET A 678 16.45 -2.21 -8.06
N LYS A 679 17.27 -2.75 -8.96
CA LYS A 679 17.59 -2.09 -10.25
C LYS A 679 16.38 -2.04 -11.19
N VAL A 680 15.60 -3.12 -11.20
CA VAL A 680 14.33 -3.15 -11.96
C VAL A 680 13.30 -2.18 -11.40
N LEU A 681 13.20 -2.11 -10.07
CA LEU A 681 12.24 -1.22 -9.41
C LEU A 681 12.62 0.26 -9.53
N MET A 682 13.93 0.54 -9.57
CA MET A 682 14.45 1.88 -9.91
C MET A 682 13.93 2.35 -11.27
N LYS A 683 14.09 1.50 -12.28
CA LYS A 683 13.62 1.76 -13.63
C LYS A 683 12.12 2.10 -13.63
N GLN A 684 11.34 1.36 -12.85
CA GLN A 684 9.88 1.56 -12.77
C GLN A 684 9.51 2.90 -12.10
N GLY A 685 10.15 3.18 -10.97
CA GLY A 685 9.99 4.45 -10.25
C GLY A 685 10.26 5.69 -11.10
N GLU A 686 11.32 5.64 -11.90
CA GLU A 686 11.71 6.75 -12.77
C GLU A 686 10.69 7.01 -13.90
N ALA A 687 10.11 5.93 -14.44
CA ALA A 687 9.00 6.03 -15.39
C ALA A 687 7.76 6.65 -14.73
N LEU A 688 7.45 6.19 -13.52
CA LEU A 688 6.32 6.72 -12.74
C LEU A 688 6.54 8.17 -12.32
N SER A 689 7.79 8.55 -12.12
CA SER A 689 8.15 9.94 -11.86
C SER A 689 7.90 10.83 -13.08
N LYS A 690 8.23 10.33 -14.27
CA LYS A 690 8.05 11.09 -15.52
C LYS A 690 6.59 11.19 -15.93
N LEU A 691 5.86 10.08 -15.80
CA LEU A 691 4.41 10.06 -16.04
C LEU A 691 3.64 11.05 -15.15
N LYS A 692 4.11 11.27 -13.92
CA LYS A 692 3.55 12.29 -13.04
C LYS A 692 3.71 13.66 -13.68
N ALA A 693 4.96 14.01 -14.01
CA ALA A 693 5.28 15.29 -14.65
C ALA A 693 4.55 15.49 -15.99
N LEU A 694 4.40 14.40 -16.75
CA LEU A 694 3.68 14.42 -18.01
C LEU A 694 2.18 14.63 -17.79
N ASN A 695 1.63 13.97 -16.78
CA ASN A 695 0.20 14.10 -16.48
C ASN A 695 -0.13 15.51 -15.96
N ASP A 696 0.70 16.01 -15.04
CA ASP A 696 0.55 17.39 -14.53
C ASP A 696 0.54 18.44 -15.63
N PHE A 697 1.44 18.27 -16.61
CA PHE A 697 1.49 19.13 -17.80
C PHE A 697 0.19 19.05 -18.62
N VAL A 698 -0.28 17.83 -18.88
CA VAL A 698 -1.52 17.58 -19.61
C VAL A 698 -2.77 18.14 -18.89
N LYS A 699 -2.79 18.07 -17.56
CA LYS A 699 -3.88 18.66 -16.76
C LYS A 699 -3.98 20.18 -16.98
N LEU A 700 -2.84 20.85 -16.80
CA LEU A 700 -2.75 22.31 -16.91
C LEU A 700 -2.98 22.80 -18.35
N SER A 701 -2.48 22.03 -19.34
CA SER A 701 -2.66 22.35 -20.76
C SER A 701 -4.09 22.12 -21.27
N SER A 702 -4.77 21.11 -20.74
CA SER A 702 -6.18 20.81 -21.11
C SER A 702 -7.13 21.97 -20.83
N GLN A 703 -6.84 22.73 -19.78
CA GLN A 703 -7.58 23.96 -19.47
C GLN A 703 -7.24 25.09 -20.46
N LYS A 704 -5.98 25.15 -20.89
CA LYS A 704 -5.51 26.19 -21.83
C LYS A 704 -6.04 26.02 -23.26
N THR A 705 -5.87 24.80 -23.82
CA THR A 705 -6.17 24.54 -25.23
C THR A 705 -7.03 23.27 -25.43
N PRO A 706 -7.66 23.11 -26.63
CA PRO A 706 -8.39 21.88 -26.95
C PRO A 706 -7.51 20.62 -27.06
N LYS A 707 -8.17 19.46 -27.15
CA LYS A 707 -7.51 18.15 -27.01
C LYS A 707 -6.45 17.79 -28.07
N PRO A 708 -6.73 18.06 -29.37
CA PRO A 708 -5.78 17.70 -30.43
C PRO A 708 -4.38 18.30 -30.24
N GLN A 709 -4.32 19.59 -29.91
CA GLN A 709 -3.05 20.29 -29.66
C GLN A 709 -2.39 19.83 -28.36
N THR A 710 -3.18 19.58 -27.32
CA THR A 710 -2.66 19.05 -26.03
C THR A 710 -2.00 17.70 -26.23
N LYS A 711 -2.72 16.81 -26.93
CA LYS A 711 -2.22 15.48 -27.33
C LYS A 711 -0.86 15.56 -28.04
N GLU A 712 -0.72 16.51 -28.96
CA GLU A 712 0.54 16.71 -29.69
C GLU A 712 1.66 17.27 -28.79
N LEU A 713 1.32 18.22 -27.93
CA LEU A 713 2.29 18.80 -26.99
C LEU A 713 2.80 17.78 -25.96
N MET A 714 1.93 16.85 -25.57
CA MET A 714 2.30 15.67 -24.77
C MET A 714 3.35 14.84 -25.51
N HIS A 715 3.11 14.61 -26.81
CA HIS A 715 4.05 13.84 -27.64
C HIS A 715 5.42 14.49 -27.72
N LEU A 716 5.47 15.81 -27.89
CA LEU A 716 6.75 16.55 -27.93
C LEU A 716 7.51 16.46 -26.61
N CYS A 717 6.78 16.49 -25.50
CA CYS A 717 7.38 16.27 -24.19
C CYS A 717 7.90 14.84 -24.05
N MET A 718 7.17 13.87 -24.62
CA MET A 718 7.59 12.45 -24.64
C MET A 718 8.83 12.19 -25.49
N ARG A 719 8.96 12.91 -26.62
CA ARG A 719 10.10 12.73 -27.55
C ARG A 719 11.47 12.99 -26.91
N GLN A 720 11.50 13.86 -25.89
CA GLN A 720 12.74 14.24 -25.21
C GLN A 720 13.52 13.02 -24.69
N GLU A 721 14.85 13.08 -24.82
CA GLU A 721 15.73 11.91 -24.64
C GLU A 721 15.62 11.27 -23.26
N ALA A 722 15.69 12.11 -22.23
CA ALA A 722 15.53 11.68 -20.83
C ALA A 722 14.14 11.09 -20.56
N TYR A 723 13.12 11.69 -21.17
CA TYR A 723 11.73 11.20 -21.07
C TYR A 723 11.55 9.85 -21.75
N LEU A 724 11.90 9.80 -23.04
CA LEU A 724 11.71 8.62 -23.87
C LEU A 724 12.43 7.39 -23.32
N GLU A 725 13.67 7.57 -22.86
CA GLU A 725 14.44 6.47 -22.29
C GLU A 725 13.88 5.99 -20.94
N ALA A 726 13.41 6.93 -20.13
CA ALA A 726 12.80 6.61 -18.84
C ALA A 726 11.50 5.83 -18.99
N LEU A 727 10.68 6.24 -19.97
CA LEU A 727 9.42 5.55 -20.28
C LEU A 727 9.60 4.24 -21.03
N SER A 728 10.76 4.03 -21.67
CA SER A 728 11.00 2.84 -22.50
C SER A 728 11.77 1.76 -21.75
N HIS A 729 11.52 0.50 -22.14
CA HIS A 729 12.32 -0.66 -21.73
C HIS A 729 12.38 -0.89 -20.22
N LEU A 730 11.26 -1.38 -19.70
CA LEU A 730 11.09 -1.62 -18.27
C LEU A 730 10.12 -2.77 -18.05
N GLN A 731 10.30 -3.50 -16.95
CA GLN A 731 9.30 -4.47 -16.51
C GLN A 731 8.06 -3.72 -16.04
N SER A 732 6.88 -4.28 -16.30
CA SER A 732 5.63 -3.65 -15.92
C SER A 732 5.45 -3.73 -14.42
N PRO A 733 5.14 -2.59 -13.75
CA PRO A 733 4.74 -2.68 -12.34
C PRO A 733 3.52 -3.57 -12.08
N LEU A 734 2.58 -3.60 -13.04
CA LEU A 734 1.38 -4.42 -12.94
C LEU A 734 1.62 -5.92 -13.04
N ASP A 735 2.69 -6.30 -13.73
CA ASP A 735 3.08 -7.71 -13.90
C ASP A 735 4.55 -7.76 -14.31
N PRO A 736 5.47 -8.03 -13.38
CA PRO A 736 6.91 -7.94 -13.68
C PRO A 736 7.43 -8.93 -14.75
N SER A 737 6.67 -9.98 -15.05
CA SER A 737 6.99 -10.84 -16.19
C SER A 737 6.63 -10.21 -17.56
N THR A 738 5.85 -9.13 -17.57
CA THR A 738 5.52 -8.39 -18.81
C THR A 738 6.60 -7.35 -19.09
N LEU A 739 7.01 -7.28 -20.36
CA LEU A 739 8.01 -6.30 -20.81
C LEU A 739 7.38 -5.14 -21.56
N LEU A 740 7.48 -3.95 -20.98
CA LEU A 740 7.16 -2.69 -21.66
C LEU A 740 8.44 -2.25 -22.34
N ALA A 741 8.47 -2.29 -23.68
CA ALA A 741 9.70 -2.11 -24.45
C ALA A 741 9.81 -0.73 -25.10
N GLU A 742 8.99 -0.46 -26.12
CA GLU A 742 9.06 0.76 -26.93
C GLU A 742 7.74 1.50 -26.85
N VAL A 743 7.77 2.77 -26.42
CA VAL A 743 6.55 3.59 -26.39
C VAL A 743 6.11 3.97 -27.81
N CYS A 744 4.81 3.84 -28.09
CA CYS A 744 4.22 4.25 -29.36
C CYS A 744 3.62 5.64 -29.15
N VAL A 745 4.45 6.66 -29.31
CA VAL A 745 4.11 8.04 -28.93
C VAL A 745 2.84 8.52 -29.67
N GLU A 746 2.68 8.11 -30.92
CA GLU A 746 1.48 8.43 -31.70
C GLU A 746 0.22 7.85 -31.06
N GLN A 747 0.29 6.60 -30.64
CA GLN A 747 -0.84 5.93 -29.98
C GLN A 747 -1.10 6.43 -28.55
N CYS A 748 -0.13 7.12 -27.95
CA CYS A 748 -0.29 7.69 -26.60
C CYS A 748 -1.22 8.90 -26.58
N THR A 749 -1.99 9.02 -25.50
CA THR A 749 -2.97 10.11 -25.33
C THR A 749 -3.38 10.24 -23.86
N PHE A 750 -4.38 11.08 -23.60
CA PHE A 750 -5.07 11.12 -22.30
C PHE A 750 -6.57 10.93 -22.48
N MET A 751 -7.23 10.45 -21.43
CA MET A 751 -8.65 10.08 -21.47
C MET A 751 -9.51 11.21 -20.93
N ASP A 752 -10.73 11.34 -21.44
CA ASP A 752 -11.66 12.42 -21.06
C ASP A 752 -12.43 12.12 -19.77
N SER A 753 -11.69 11.93 -18.68
CA SER A 753 -12.23 11.71 -17.34
C SER A 753 -11.72 12.81 -16.40
N LYS A 754 -12.24 12.84 -15.18
CA LYS A 754 -11.99 13.93 -14.22
C LYS A 754 -10.50 14.22 -13.95
N MET A 755 -9.72 13.15 -13.74
CA MET A 755 -8.28 13.28 -13.46
C MET A 755 -7.36 13.23 -14.69
N LYS A 756 -7.94 13.05 -15.89
CA LYS A 756 -7.20 13.08 -17.15
C LYS A 756 -6.04 12.06 -17.18
N PRO A 757 -6.38 10.76 -17.05
CA PRO A 757 -5.33 9.74 -16.94
C PRO A 757 -4.70 9.42 -18.30
N LEU A 758 -3.38 9.23 -18.30
CA LEU A 758 -2.61 9.06 -19.52
C LEU A 758 -2.76 7.63 -20.04
N TRP A 759 -2.92 7.52 -21.36
CA TRP A 759 -3.08 6.25 -22.04
C TRP A 759 -1.76 5.98 -22.77
N ILE A 760 -0.92 5.13 -22.19
CA ILE A 760 0.43 4.85 -22.71
C ILE A 760 0.44 3.46 -23.35
N MET A 761 0.73 3.41 -24.65
CA MET A 761 0.80 2.14 -25.40
C MET A 761 2.25 1.72 -25.66
N TYR A 762 2.48 0.41 -25.70
CA TYR A 762 3.80 -0.17 -25.94
C TYR A 762 3.80 -1.21 -27.07
N SER A 763 5.00 -1.64 -27.44
CA SER A 763 5.18 -2.76 -28.37
C SER A 763 6.59 -3.34 -28.24
N ASN A 764 6.68 -4.68 -28.31
CA ASN A 764 7.99 -5.39 -28.30
C ASN A 764 8.15 -6.32 -29.51
N GLU A 765 9.17 -6.05 -30.32
CA GLU A 765 9.53 -6.91 -31.48
C GLU A 765 10.14 -8.26 -31.09
N GLU A 766 10.51 -8.42 -29.81
CA GLU A 766 10.80 -9.74 -29.23
C GLU A 766 9.55 -10.63 -29.15
N ALA A 767 8.39 -10.02 -28.86
CA ALA A 767 7.11 -10.74 -28.84
C ALA A 767 6.65 -11.10 -30.25
N GLY A 771 1.03 -9.11 -28.92
CA GLY A 771 1.52 -8.64 -27.62
C GLY A 771 1.83 -7.15 -27.61
N SER A 772 0.80 -6.34 -27.87
CA SER A 772 0.87 -4.88 -27.82
C SER A 772 0.27 -4.41 -26.49
N VAL A 773 1.13 -4.22 -25.48
CA VAL A 773 0.67 -3.96 -24.12
C VAL A 773 0.35 -2.48 -23.95
N GLY A 774 -0.68 -2.18 -23.15
CA GLY A 774 -1.07 -0.81 -22.83
C GLY A 774 -1.24 -0.61 -21.33
N ILE A 775 -1.04 0.61 -20.86
CA ILE A 775 -1.28 0.97 -19.45
C ILE A 775 -2.00 2.31 -19.33
N ILE A 776 -2.74 2.48 -18.24
CA ILE A 776 -3.35 3.76 -17.89
C ILE A 776 -2.68 4.24 -16.60
N PHE A 777 -2.04 5.41 -16.65
CA PHE A 777 -1.52 6.10 -15.47
C PHE A 777 -2.59 7.06 -14.98
N LYS A 778 -3.06 6.88 -13.74
CA LYS A 778 -4.06 7.74 -13.14
C LYS A 778 -3.46 8.42 -11.92
N ASN A 779 -3.49 9.75 -11.88
CA ASN A 779 -3.00 10.55 -10.75
C ASN A 779 -4.05 11.56 -10.26
N GLY A 780 -4.21 11.69 -8.95
CA GLY A 780 -5.15 12.62 -8.34
C GLY A 780 -6.27 11.93 -7.58
N ASP A 781 -6.72 10.80 -8.12
CA ASP A 781 -7.73 9.96 -7.49
C ASP A 781 -7.07 8.75 -6.83
N ASP A 782 -7.77 8.15 -5.88
CA ASP A 782 -7.34 6.94 -5.20
C ASP A 782 -7.75 5.69 -6.01
N LEU A 783 -6.87 4.68 -6.02
CA LEU A 783 -7.13 3.40 -6.72
C LEU A 783 -7.14 2.16 -5.81
N ARG A 784 -7.01 2.36 -4.50
CA ARG A 784 -6.99 1.24 -3.54
C ARG A 784 -8.30 0.46 -3.48
N GLN A 785 -9.41 1.15 -3.74
CA GLN A 785 -10.73 0.57 -3.81
C GLN A 785 -10.89 -0.42 -4.97
N ASP A 786 -10.43 0.00 -6.15
CA ASP A 786 -10.48 -0.82 -7.34
C ASP A 786 -9.58 -2.06 -7.25
N MET A 787 -8.40 -1.91 -6.64
CA MET A 787 -7.49 -3.04 -6.46
C MET A 787 -8.11 -4.13 -5.58
N LEU A 788 -8.63 -3.72 -4.43
CA LEU A 788 -9.24 -4.64 -3.46
C LEU A 788 -10.37 -5.42 -4.09
N THR A 789 -11.21 -4.71 -4.86
CA THR A 789 -12.33 -5.34 -5.57
C THR A 789 -11.85 -6.34 -6.62
N LEU A 790 -10.84 -5.94 -7.38
CA LEU A 790 -10.24 -6.80 -8.40
C LEU A 790 -9.53 -7.99 -7.80
N GLN A 791 -8.84 -7.77 -6.67
CA GLN A 791 -8.26 -8.86 -5.88
C GLN A 791 -9.35 -9.87 -5.47
N MET A 792 -10.51 -9.36 -5.07
CA MET A 792 -11.62 -10.22 -4.62
C MET A 792 -12.34 -10.94 -5.76
N ILE A 793 -12.49 -10.28 -6.90
CA ILE A 793 -13.02 -10.93 -8.11
C ILE A 793 -12.06 -12.03 -8.57
N GLN A 794 -10.76 -11.74 -8.56
CA GLN A 794 -9.72 -12.72 -8.90
C GLN A 794 -9.77 -13.94 -7.97
N LEU A 795 -9.93 -13.68 -6.67
CA LEU A 795 -10.09 -14.74 -5.67
C LEU A 795 -11.30 -15.62 -5.96
N MET A 796 -12.42 -14.98 -6.32
CA MET A 796 -13.65 -15.70 -6.70
C MET A 796 -13.42 -16.59 -7.91
N ASP A 797 -12.70 -16.07 -8.91
CA ASP A 797 -12.38 -16.82 -10.12
C ASP A 797 -11.53 -18.07 -9.83
N VAL A 798 -10.50 -17.89 -9.01
CA VAL A 798 -9.68 -19.01 -8.54
C VAL A 798 -10.53 -20.01 -7.76
N LEU A 799 -11.38 -19.52 -6.87
CA LEU A 799 -12.31 -20.38 -6.12
C LEU A 799 -13.26 -21.17 -7.03
N TRP A 800 -13.79 -20.51 -8.06
CA TRP A 800 -14.66 -21.16 -9.04
C TRP A 800 -13.92 -22.17 -9.90
N LYS A 801 -12.73 -21.80 -10.39
CA LYS A 801 -11.90 -22.70 -11.22
C LYS A 801 -11.49 -23.98 -10.48
N GLN A 802 -11.25 -23.86 -9.18
CA GLN A 802 -11.04 -25.03 -8.30
C GLN A 802 -12.23 -26.01 -8.22
N GLU A 803 -13.40 -25.61 -8.70
CA GLU A 803 -14.54 -26.53 -8.89
C GLU A 803 -14.76 -26.85 -10.38
N GLY A 804 -13.77 -26.59 -11.24
CA GLY A 804 -13.91 -26.78 -12.68
C GLY A 804 -14.94 -25.87 -13.36
N LEU A 805 -15.18 -24.69 -12.78
CA LEU A 805 -16.07 -23.70 -13.34
C LEU A 805 -15.23 -22.48 -13.74
N ASP A 806 -14.96 -22.35 -15.04
CA ASP A 806 -14.31 -21.17 -15.59
C ASP A 806 -15.39 -20.23 -16.11
N LEU A 807 -15.64 -19.14 -15.39
CA LEU A 807 -16.63 -18.15 -15.81
C LEU A 807 -16.01 -17.01 -16.64
N ARG A 808 -14.82 -17.22 -17.19
CA ARG A 808 -14.25 -16.36 -18.23
C ARG A 808 -14.11 -14.92 -17.76
N MET A 809 -13.65 -14.75 -16.52
CA MET A 809 -13.55 -13.43 -15.90
C MET A 809 -12.34 -12.69 -16.45
N THR A 810 -12.29 -11.40 -16.17
CA THR A 810 -11.21 -10.52 -16.63
C THR A 810 -10.75 -9.65 -15.46
N PRO A 811 -10.02 -10.26 -14.50
CA PRO A 811 -9.51 -9.49 -13.39
C PRO A 811 -8.22 -8.78 -13.79
N TYR A 812 -8.38 -7.71 -14.57
CA TYR A 812 -7.26 -6.90 -15.07
C TYR A 812 -6.41 -6.35 -13.92
N GLY A 813 -5.16 -6.01 -14.24
CA GLY A 813 -4.22 -5.50 -13.26
C GLY A 813 -4.55 -4.10 -12.79
N CYS A 814 -4.43 -3.90 -11.47
CA CYS A 814 -4.57 -2.59 -10.84
C CYS A 814 -3.57 -2.49 -9.71
N LEU A 815 -2.83 -1.39 -9.64
CA LEU A 815 -1.78 -1.21 -8.61
C LEU A 815 -1.61 0.26 -8.21
N PRO A 816 -1.92 0.59 -6.94
CA PRO A 816 -1.46 1.85 -6.37
C PRO A 816 0.07 1.87 -6.23
N THR A 817 0.67 2.96 -6.70
CA THR A 817 2.13 3.13 -6.67
C THR A 817 2.60 4.29 -5.79
N GLY A 818 1.70 5.23 -5.49
CA GLY A 818 2.06 6.39 -4.68
C GLY A 818 0.87 7.15 -4.18
N ASP A 819 1.12 8.41 -3.82
CA ASP A 819 0.09 9.32 -3.32
C ASP A 819 -0.92 9.63 -4.43
N ARG A 820 -2.10 8.99 -4.33
CA ARG A 820 -3.19 9.15 -5.29
C ARG A 820 -2.69 8.92 -6.72
N THR A 821 -1.93 7.85 -6.87
CA THR A 821 -1.21 7.53 -8.10
C THR A 821 -1.15 6.03 -8.27
N GLY A 822 -1.49 5.54 -9.46
CA GLY A 822 -1.44 4.12 -9.76
C GLY A 822 -1.49 3.80 -11.23
N LEU A 823 -1.48 2.50 -11.53
CA LEU A 823 -1.59 2.00 -12.90
C LEU A 823 -2.76 1.04 -13.01
N ILE A 824 -3.35 1.01 -14.20
CA ILE A 824 -4.41 0.09 -14.56
C ILE A 824 -3.99 -0.58 -15.87
N GLU A 825 -4.21 -1.89 -15.94
CA GLU A 825 -3.90 -2.66 -17.15
C GLU A 825 -4.92 -2.29 -18.20
N VAL A 826 -4.47 -2.00 -19.41
CA VAL A 826 -5.38 -1.87 -20.54
C VAL A 826 -5.72 -3.27 -21.01
N VAL A 827 -7.00 -3.53 -21.24
CA VAL A 827 -7.48 -4.77 -21.85
C VAL A 827 -7.78 -4.47 -23.31
N LEU A 828 -7.05 -5.10 -24.22
CA LEU A 828 -7.20 -4.84 -25.66
C LEU A 828 -8.50 -5.40 -26.20
N ARG A 829 -8.93 -4.87 -27.34
CA ARG A 829 -10.08 -5.39 -28.07
C ARG A 829 -11.36 -5.39 -27.21
N SER A 830 -11.52 -4.36 -26.37
CA SER A 830 -12.73 -4.17 -25.57
C SER A 830 -13.25 -2.73 -25.69
N ASP A 831 -14.54 -2.56 -25.41
CA ASP A 831 -15.18 -1.24 -25.42
C ASP A 831 -16.36 -1.25 -24.45
N THR A 832 -16.72 -0.06 -23.96
CA THR A 832 -17.84 0.09 -23.04
C THR A 832 -19.14 -0.15 -23.79
N ILE A 833 -20.14 -0.66 -23.07
CA ILE A 833 -21.43 -1.01 -23.67
C ILE A 833 -22.16 0.24 -24.22
N ALA A 834 -21.92 1.40 -23.58
CA ALA A 834 -22.43 2.69 -24.08
C ALA A 834 -21.98 2.98 -25.51
N ASN A 835 -20.67 2.95 -25.74
CA ASN A 835 -20.07 3.26 -27.05
C ASN A 835 -20.52 2.32 -28.17
N ILE A 836 -20.62 1.02 -27.85
CA ILE A 836 -21.08 0.00 -28.81
C ILE A 836 -22.54 0.24 -29.22
N GLN A 837 -23.38 0.55 -28.23
CA GLN A 837 -24.81 0.83 -28.46
C GLN A 837 -25.06 2.13 -29.23
N LEU A 838 -24.25 3.15 -28.98
CA LEU A 838 -24.39 4.46 -29.65
C LEU A 838 -24.02 4.40 -31.14
N ASN A 839 -22.91 3.72 -31.46
CA ASN A 839 -22.51 3.52 -32.86
C ASN A 839 -23.37 2.43 -33.50
N ASP A 852 -30.35 -5.40 -29.78
CA ASP A 852 -30.05 -5.56 -31.20
C ASP A 852 -28.60 -5.17 -31.53
N ALA A 853 -28.19 -4.00 -31.05
CA ALA A 853 -26.87 -3.42 -31.37
C ALA A 853 -25.70 -4.17 -30.73
N LEU A 854 -25.88 -4.60 -29.49
CA LEU A 854 -24.87 -5.37 -28.76
C LEU A 854 -24.61 -6.73 -29.44
N LEU A 855 -25.70 -7.38 -29.87
CA LEU A 855 -25.61 -8.64 -30.61
C LEU A 855 -25.01 -8.49 -32.02
N ASN A 856 -25.29 -7.37 -32.68
CA ASN A 856 -24.64 -7.03 -33.97
C ASN A 856 -23.13 -6.86 -33.85
N TRP A 857 -22.68 -6.24 -32.76
CA TRP A 857 -21.25 -6.03 -32.51
C TRP A 857 -20.52 -7.37 -32.44
N LEU A 858 -21.06 -8.29 -31.62
CA LEU A 858 -20.50 -9.64 -31.50
C LEU A 858 -20.51 -10.42 -32.82
N LYS A 859 -21.53 -10.21 -33.65
CA LYS A 859 -21.57 -10.78 -34.99
C LYS A 859 -20.39 -10.29 -35.83
N SER A 860 -20.15 -8.98 -35.81
CA SER A 860 -19.05 -8.37 -36.59
C SER A 860 -17.64 -8.71 -36.07
N LYS A 861 -17.52 -9.16 -34.82
CA LYS A 861 -16.24 -9.60 -34.24
C LYS A 861 -16.09 -11.14 -34.18
N ASN A 862 -17.21 -11.86 -34.32
CA ASN A 862 -17.23 -13.33 -34.39
C ASN A 862 -18.19 -13.80 -35.48
N PRO A 863 -17.80 -13.66 -36.76
CA PRO A 863 -18.68 -14.07 -37.87
C PRO A 863 -18.77 -15.59 -38.06
N GLY A 864 -19.94 -16.07 -38.47
CA GLY A 864 -20.16 -17.47 -38.80
C GLY A 864 -20.12 -18.42 -37.60
N GLU A 865 -19.20 -19.37 -37.63
CA GLU A 865 -19.02 -20.37 -36.55
C GLU A 865 -18.73 -19.74 -35.19
N ALA A 866 -17.87 -18.71 -35.20
CA ALA A 866 -17.32 -18.11 -33.97
C ALA A 866 -18.35 -17.53 -32.99
N LEU A 867 -19.48 -17.05 -33.52
CA LEU A 867 -20.52 -16.39 -32.72
C LEU A 867 -21.03 -17.22 -31.54
N ASP A 868 -21.12 -18.53 -31.73
CA ASP A 868 -21.56 -19.45 -30.66
C ASP A 868 -20.59 -19.43 -29.46
N ARG A 869 -19.29 -19.35 -29.74
CA ARG A 869 -18.28 -19.15 -28.69
C ARG A 869 -18.51 -17.83 -27.96
N ALA A 870 -18.73 -16.76 -28.72
CA ALA A 870 -18.89 -15.41 -28.16
C ALA A 870 -20.08 -15.25 -27.20
N ILE A 871 -21.20 -15.86 -27.56
CA ILE A 871 -22.39 -15.86 -26.70
C ILE A 871 -22.13 -16.64 -25.40
N GLU A 872 -21.42 -17.76 -25.52
CA GLU A 872 -21.06 -18.57 -24.35
C GLU A 872 -20.11 -17.80 -23.43
N GLU A 873 -19.09 -17.16 -24.03
CA GLU A 873 -18.16 -16.27 -23.32
C GLU A 873 -18.89 -15.16 -22.56
N PHE A 874 -19.93 -14.59 -23.19
CA PHE A 874 -20.77 -13.56 -22.59
C PHE A 874 -21.61 -14.11 -21.45
N THR A 875 -22.34 -15.19 -21.72
CA THR A 875 -23.19 -15.88 -20.73
C THR A 875 -22.41 -16.23 -19.46
N LEU A 876 -21.24 -16.86 -19.65
CA LEU A 876 -20.37 -17.27 -18.53
C LEU A 876 -19.91 -16.09 -17.67
N SER A 877 -19.32 -15.08 -18.33
CA SER A 877 -18.81 -13.90 -17.63
C SER A 877 -19.93 -13.02 -17.06
N CYS A 878 -21.07 -12.98 -17.73
CA CYS A 878 -22.23 -12.26 -17.23
C CYS A 878 -22.72 -12.89 -15.91
N ALA A 879 -22.72 -14.22 -15.84
CA ALA A 879 -23.08 -14.93 -14.61
C ALA A 879 -22.13 -14.59 -13.46
N GLY A 880 -20.83 -14.68 -13.73
CA GLY A 880 -19.79 -14.39 -12.74
C GLY A 880 -19.81 -12.97 -12.20
N TYR A 881 -19.89 -11.99 -13.10
CA TYR A 881 -19.95 -10.58 -12.71
C TYR A 881 -21.30 -10.15 -12.10
N CYS A 882 -22.38 -10.88 -12.42
CA CYS A 882 -23.67 -10.66 -11.75
C CYS A 882 -23.60 -11.08 -10.27
N VAL A 883 -22.97 -12.24 -10.02
CA VAL A 883 -22.78 -12.75 -8.67
C VAL A 883 -21.76 -11.92 -7.92
N ALA A 884 -20.62 -11.65 -8.56
CA ALA A 884 -19.55 -10.85 -7.96
C ALA A 884 -20.06 -9.49 -7.44
N THR A 885 -20.67 -8.71 -8.32
CA THR A 885 -21.19 -7.39 -7.94
C THR A 885 -22.32 -7.43 -6.91
N TYR A 886 -23.08 -8.53 -6.89
CA TYR A 886 -24.13 -8.74 -5.88
C TYR A 886 -23.53 -8.95 -4.49
N VAL A 887 -22.57 -9.87 -4.42
CA VAL A 887 -21.92 -10.26 -3.15
C VAL A 887 -21.14 -9.08 -2.54
N LEU A 888 -20.36 -8.40 -3.37
CA LEU A 888 -19.57 -7.25 -2.91
C LEU A 888 -20.37 -5.95 -2.76
N GLY A 889 -21.64 -5.95 -3.17
CA GLY A 889 -22.51 -4.80 -2.98
C GLY A 889 -22.10 -3.61 -3.83
N ILE A 890 -21.68 -3.91 -5.07
CA ILE A 890 -21.16 -2.90 -5.98
C ILE A 890 -22.33 -2.40 -6.79
N GLY A 891 -22.78 -1.18 -6.48
CA GLY A 891 -23.80 -0.47 -7.26
C GLY A 891 -23.16 0.48 -8.25
N ASP A 892 -23.95 1.41 -8.76
CA ASP A 892 -23.52 2.39 -9.78
C ASP A 892 -23.21 1.73 -11.13
N ARG A 893 -23.84 0.57 -11.38
CA ARG A 893 -23.54 -0.27 -12.55
C ARG A 893 -24.32 0.19 -13.77
N HIS A 894 -23.62 0.81 -14.72
CA HIS A 894 -24.25 1.37 -15.93
C HIS A 894 -23.38 1.10 -17.16
N SER A 895 -23.89 1.45 -18.33
CA SER A 895 -23.24 1.14 -19.62
C SER A 895 -21.83 1.74 -19.81
N ASP A 896 -21.57 2.91 -19.23
CA ASP A 896 -20.23 3.54 -19.28
C ASP A 896 -19.13 2.79 -18.48
N ASN A 897 -19.51 2.02 -17.44
CA ASN A 897 -18.53 1.29 -16.61
C ASN A 897 -18.61 -0.25 -16.71
N ILE A 898 -19.37 -0.74 -17.70
CA ILE A 898 -19.41 -2.16 -18.05
C ILE A 898 -18.86 -2.28 -19.46
N MET A 899 -17.93 -3.22 -19.66
CA MET A 899 -17.25 -3.41 -20.93
C MET A 899 -17.42 -4.83 -21.44
N ILE A 900 -17.16 -4.99 -22.74
CA ILE A 900 -17.20 -6.30 -23.40
C ILE A 900 -15.98 -6.48 -24.30
N ARG A 901 -15.37 -7.66 -24.21
CA ARG A 901 -14.26 -8.03 -25.09
C ARG A 901 -14.80 -8.52 -26.44
N GLU A 902 -14.00 -8.34 -27.50
CA GLU A 902 -14.34 -8.87 -28.84
C GLU A 902 -14.53 -10.39 -28.83
N SER A 903 -13.85 -11.08 -27.91
CA SER A 903 -14.08 -12.50 -27.63
C SER A 903 -15.50 -12.83 -27.14
N GLY A 904 -16.23 -11.85 -26.64
CA GLY A 904 -17.57 -12.05 -26.06
C GLY A 904 -17.62 -11.81 -24.55
N GLN A 905 -16.48 -11.89 -23.88
CA GLN A 905 -16.40 -11.73 -22.43
C GLN A 905 -16.85 -10.35 -21.92
N LEU A 906 -17.83 -10.37 -21.02
CA LEU A 906 -18.25 -9.19 -20.28
C LEU A 906 -17.32 -8.99 -19.09
N PHE A 907 -17.02 -7.73 -18.75
CA PHE A 907 -16.35 -7.42 -17.49
C PHE A 907 -16.64 -5.97 -17.06
N HIS A 908 -16.46 -5.72 -15.78
CA HIS A 908 -16.77 -4.43 -15.16
C HIS A 908 -15.50 -3.64 -14.88
N ILE A 909 -15.59 -2.32 -14.94
CA ILE A 909 -14.48 -1.42 -14.62
C ILE A 909 -14.88 -0.40 -13.56
N ASP A 910 -13.89 0.27 -12.98
CA ASP A 910 -14.12 1.48 -12.18
C ASP A 910 -15.04 1.23 -10.97
N PHE A 911 -14.52 0.49 -9.98
CA PHE A 911 -15.29 0.05 -8.81
C PHE A 911 -15.16 1.03 -7.65
N GLY A 912 -15.64 2.26 -7.83
CA GLY A 912 -15.53 3.29 -6.80
C GLY A 912 -16.36 3.04 -5.55
N HIS A 913 -17.48 2.33 -5.70
CA HIS A 913 -18.45 2.12 -4.64
C HIS A 913 -18.72 0.63 -4.42
N PHE A 914 -18.70 0.19 -3.16
CA PHE A 914 -19.02 -1.21 -2.81
C PHE A 914 -19.54 -1.38 -1.39
N LEU A 915 -20.05 -2.59 -1.10
CA LEU A 915 -20.75 -2.91 0.15
C LEU A 915 -21.99 -2.03 0.41
N GLY A 916 -22.68 -1.65 -0.68
CA GLY A 916 -23.87 -0.81 -0.60
C GLY A 916 -23.65 0.69 -0.50
N ASN A 917 -22.41 1.10 -0.23
CA ASN A 917 -22.11 2.51 0.07
C ASN A 917 -22.05 3.36 -1.20
N PHE A 918 -22.15 4.68 -1.02
CA PHE A 918 -22.17 5.65 -2.13
C PHE A 918 -21.56 6.99 -1.69
N GLU A 927 -27.08 0.74 2.05
CA GLU A 927 -28.31 0.07 1.59
C GLU A 927 -28.01 -1.09 0.63
N ARG A 928 -28.85 -2.13 0.66
CA ARG A 928 -28.61 -3.36 -0.10
C ARG A 928 -28.81 -3.19 -1.60
N VAL A 929 -27.75 -3.44 -2.36
CA VAL A 929 -27.83 -3.47 -3.82
C VAL A 929 -28.49 -4.80 -4.20
N PRO A 930 -29.62 -4.75 -4.94
CA PRO A 930 -30.24 -6.01 -5.37
C PRO A 930 -29.43 -6.73 -6.45
N PHE A 931 -29.73 -8.01 -6.64
CA PHE A 931 -29.20 -8.78 -7.76
C PHE A 931 -29.81 -8.20 -9.03
N ILE A 932 -28.98 -7.98 -10.05
CA ILE A 932 -29.34 -7.18 -11.21
C ILE A 932 -29.08 -7.93 -12.51
N LEU A 933 -30.15 -8.17 -13.26
CA LEU A 933 -30.09 -8.68 -14.63
C LEU A 933 -30.55 -7.57 -15.57
N THR A 934 -29.81 -7.37 -16.65
CA THR A 934 -30.11 -6.35 -17.65
C THR A 934 -30.74 -7.02 -18.88
N TYR A 935 -31.80 -6.40 -19.41
CA TYR A 935 -32.55 -6.94 -20.54
C TYR A 935 -31.67 -7.17 -21.76
N ASP A 936 -30.76 -6.23 -22.02
CA ASP A 936 -29.80 -6.37 -23.14
C ASP A 936 -28.91 -7.61 -22.99
N PHE A 937 -28.50 -7.93 -21.76
CA PHE A 937 -27.65 -9.10 -21.51
C PHE A 937 -28.45 -10.40 -21.63
N VAL A 938 -29.69 -10.39 -21.14
CA VAL A 938 -30.59 -11.54 -21.25
C VAL A 938 -30.91 -11.82 -22.71
N HIS A 939 -30.99 -10.77 -23.52
CA HIS A 939 -31.25 -10.89 -24.96
C HIS A 939 -30.12 -11.64 -25.66
N VAL A 940 -28.89 -11.22 -25.39
CA VAL A 940 -27.68 -11.84 -25.95
C VAL A 940 -27.51 -13.30 -25.47
N ILE A 941 -27.75 -13.53 -24.17
CA ILE A 941 -27.75 -14.88 -23.58
C ILE A 941 -28.71 -15.83 -24.31
N GLN A 942 -29.91 -15.34 -24.62
CA GLN A 942 -30.93 -16.12 -25.36
C GLN A 942 -30.72 -16.15 -26.90
N GLN A 943 -29.54 -15.73 -27.35
CA GLN A 943 -29.11 -15.84 -28.76
C GLN A 943 -29.92 -14.96 -29.72
N GLY A 944 -30.50 -13.88 -29.17
CA GLY A 944 -31.38 -12.98 -29.91
C GLY A 944 -32.86 -13.31 -29.82
N LYS A 945 -33.19 -14.51 -29.34
CA LYS A 945 -34.58 -14.99 -29.32
C LYS A 945 -35.39 -14.32 -28.20
N THR A 946 -36.71 -14.42 -28.33
CA THR A 946 -37.64 -13.90 -27.32
C THR A 946 -37.63 -14.85 -26.12
N ASN A 947 -37.86 -16.13 -26.38
CA ASN A 947 -37.71 -17.21 -25.40
C ASN A 947 -36.63 -18.17 -25.85
N ASN A 948 -35.68 -18.45 -24.96
CA ASN A 948 -34.71 -19.52 -25.12
C ASN A 948 -34.50 -20.13 -23.74
N SER A 949 -35.41 -21.05 -23.38
CA SER A 949 -35.40 -21.67 -22.06
C SER A 949 -34.12 -22.47 -21.84
N GLU A 950 -33.72 -23.25 -22.84
CA GLU A 950 -32.49 -24.05 -22.78
C GLU A 950 -31.29 -23.21 -22.34
N LYS A 951 -30.98 -22.17 -23.11
CA LYS A 951 -29.83 -21.31 -22.83
C LYS A 951 -29.96 -20.54 -21.51
N PHE A 952 -31.15 -20.00 -21.24
CA PHE A 952 -31.38 -19.19 -20.03
C PHE A 952 -31.30 -20.01 -18.72
N GLU A 953 -31.72 -21.28 -18.77
CA GLU A 953 -31.62 -22.18 -17.62
C GLU A 953 -30.17 -22.46 -17.25
N ARG A 954 -29.35 -22.77 -18.26
CA ARG A 954 -27.89 -22.92 -18.08
C ARG A 954 -27.27 -21.70 -17.38
N PHE A 955 -27.68 -20.51 -17.82
CA PHE A 955 -27.21 -19.24 -17.26
C PHE A 955 -27.63 -19.06 -15.80
N ARG A 956 -28.87 -19.46 -15.49
CA ARG A 956 -29.35 -19.50 -14.10
C ARG A 956 -28.51 -20.47 -13.27
N GLY A 957 -28.21 -21.64 -13.85
CA GLY A 957 -27.35 -22.64 -13.20
C GLY A 957 -25.93 -22.18 -12.92
N TYR A 958 -25.38 -21.37 -13.81
CA TYR A 958 -24.04 -20.79 -13.62
C TYR A 958 -24.03 -19.82 -12.45
N CYS A 959 -24.98 -18.89 -12.44
CA CYS A 959 -25.18 -17.94 -11.34
C CYS A 959 -25.37 -18.64 -10.00
N GLU A 960 -26.22 -19.66 -9.97
CA GLU A 960 -26.49 -20.41 -8.75
C GLU A 960 -25.26 -21.16 -8.23
N ARG A 961 -24.58 -21.87 -9.13
CA ARG A 961 -23.35 -22.60 -8.78
C ARG A 961 -22.26 -21.65 -8.29
N ALA A 962 -22.11 -20.51 -8.96
CA ALA A 962 -21.15 -19.49 -8.54
C ALA A 962 -21.45 -19.04 -7.12
N TYR A 963 -22.68 -18.58 -6.88
CA TYR A 963 -23.12 -18.13 -5.56
C TYR A 963 -22.88 -19.17 -4.46
N THR A 964 -23.23 -20.43 -4.74
CA THR A 964 -23.04 -21.56 -3.81
C THR A 964 -21.59 -21.73 -3.37
N ILE A 965 -20.67 -21.66 -4.32
CA ILE A 965 -19.23 -21.85 -4.07
C ILE A 965 -18.65 -20.75 -3.18
N LEU A 966 -19.10 -19.51 -3.37
CA LEU A 966 -18.66 -18.38 -2.53
C LEU A 966 -19.15 -18.48 -1.07
N ARG A 967 -20.35 -19.03 -0.86
CA ARG A 967 -20.86 -19.27 0.50
C ARG A 967 -20.01 -20.27 1.26
N ARG A 968 -19.62 -21.35 0.60
CA ARG A 968 -18.68 -22.33 1.17
C ARG A 968 -17.36 -21.72 1.62
N HIS A 969 -16.92 -20.65 0.95
CA HIS A 969 -15.72 -19.89 1.33
C HIS A 969 -16.05 -18.52 1.91
N GLY A 970 -17.22 -18.41 2.56
CA GLY A 970 -17.69 -17.13 3.09
C GLY A 970 -16.83 -16.57 4.21
N LEU A 971 -16.46 -17.43 5.16
CA LEU A 971 -15.56 -17.05 6.27
C LEU A 971 -14.20 -16.51 5.81
N LEU A 972 -13.69 -17.02 4.68
CA LEU A 972 -12.46 -16.50 4.09
C LEU A 972 -12.65 -15.03 3.69
N PHE A 973 -13.75 -14.77 2.98
CA PHE A 973 -14.11 -13.41 2.60
C PHE A 973 -14.33 -12.52 3.83
N LEU A 974 -15.01 -13.03 4.85
CA LEU A 974 -15.19 -12.29 6.11
C LEU A 974 -13.85 -11.91 6.76
N HIS A 975 -12.98 -12.90 6.92
CA HIS A 975 -11.70 -12.68 7.61
C HIS A 975 -10.81 -11.74 6.84
N LEU A 976 -10.75 -11.92 5.52
CA LEU A 976 -9.96 -11.03 4.66
C LEU A 976 -10.47 -9.59 4.69
N PHE A 977 -11.79 -9.41 4.66
CA PHE A 977 -12.39 -8.08 4.77
C PHE A 977 -12.21 -7.45 6.17
N ALA A 978 -12.21 -8.29 7.21
CA ALA A 978 -11.95 -7.85 8.58
C ALA A 978 -10.57 -7.24 8.75
N LEU A 979 -9.56 -7.81 8.09
CA LEU A 979 -8.19 -7.28 8.14
C LEU A 979 -8.01 -6.01 7.30
N MET A 980 -8.82 -5.86 6.24
CA MET A 980 -8.81 -4.62 5.43
C MET A 980 -9.36 -3.38 6.13
N ARG A 981 -10.10 -3.55 7.22
CA ARG A 981 -10.50 -2.42 8.06
C ARG A 981 -9.29 -1.59 8.51
N ALA A 982 -8.15 -2.25 8.72
CA ALA A 982 -6.84 -1.60 8.91
C ALA A 982 -6.48 -0.53 7.88
N ALA A 983 -6.86 -0.75 6.62
CA ALA A 983 -6.47 0.12 5.50
C ALA A 983 -7.09 1.52 5.49
N GLY A 984 -8.14 1.74 6.26
CA GLY A 984 -8.78 3.05 6.36
C GLY A 984 -9.54 3.45 5.11
N LEU A 985 -10.09 2.49 4.39
CA LEU A 985 -10.99 2.78 3.28
C LEU A 985 -12.28 3.39 3.85
N PRO A 986 -12.79 4.47 3.25
CA PRO A 986 -14.06 5.03 3.75
C PRO A 986 -15.21 4.01 3.78
N GLU A 987 -15.37 3.28 2.68
CA GLU A 987 -16.45 2.28 2.54
C GLU A 987 -16.18 0.93 3.21
N LEU A 988 -15.02 0.76 3.82
CA LEU A 988 -14.73 -0.41 4.67
C LEU A 988 -14.05 0.04 5.97
N SER A 989 -14.87 0.31 6.99
CA SER A 989 -14.40 0.84 8.28
C SER A 989 -14.92 0.15 9.55
N CYS A 990 -16.00 -0.62 9.45
CA CYS A 990 -16.69 -1.14 10.64
C CYS A 990 -17.44 -2.44 10.37
N SER A 991 -17.95 -3.04 11.45
CA SER A 991 -18.71 -4.31 11.42
C SER A 991 -19.92 -4.32 10.50
N LYS A 992 -20.56 -3.16 10.30
CA LYS A 992 -21.70 -3.02 9.38
C LYS A 992 -21.29 -3.32 7.93
N ASP A 993 -20.12 -2.82 7.54
CA ASP A 993 -19.56 -3.10 6.24
C ASP A 993 -19.23 -4.59 6.04
N ILE A 994 -18.74 -5.24 7.12
CA ILE A 994 -18.50 -6.69 7.12
C ILE A 994 -19.84 -7.44 7.14
N GLN A 995 -20.79 -6.94 7.93
CA GLN A 995 -22.14 -7.53 8.04
C GLN A 995 -22.87 -7.60 6.68
N TYR A 996 -22.55 -6.68 5.78
CA TYR A 996 -23.07 -6.70 4.41
C TYR A 996 -22.77 -8.02 3.71
N LEU A 997 -21.53 -8.49 3.81
CA LEU A 997 -21.10 -9.75 3.20
C LEU A 997 -21.77 -10.95 3.85
N LYS A 998 -21.91 -10.92 5.17
CA LYS A 998 -22.60 -11.99 5.90
C LYS A 998 -24.01 -12.20 5.36
N ASP A 999 -24.71 -11.10 5.14
CA ASP A 999 -26.08 -11.12 4.60
C ASP A 999 -26.13 -11.43 3.11
N SER A 1000 -25.23 -10.84 2.33
CA SER A 1000 -25.19 -11.07 0.87
C SER A 1000 -24.82 -12.52 0.53
N LEU A 1001 -24.02 -13.16 1.39
CA LEU A 1001 -23.71 -14.59 1.29
C LEU A 1001 -24.61 -15.47 2.18
N ALA A 1002 -25.56 -14.86 2.88
CA ALA A 1002 -26.57 -15.60 3.65
C ALA A 1002 -25.96 -16.67 4.58
N LEU A 1003 -24.90 -16.29 5.29
CA LEU A 1003 -24.17 -17.22 6.15
C LEU A 1003 -24.94 -17.60 7.42
N GLY A 1004 -25.90 -16.78 7.82
CA GLY A 1004 -26.82 -17.10 8.91
C GLY A 1004 -27.93 -18.08 8.55
N LYS A 1005 -28.01 -18.46 7.27
CA LYS A 1005 -28.99 -19.43 6.77
C LYS A 1005 -28.28 -20.70 6.32
N THR A 1006 -29.03 -21.78 6.16
CA THR A 1006 -28.52 -23.03 5.60
C THR A 1006 -28.35 -22.88 4.09
N GLU A 1007 -27.67 -23.85 3.47
CA GLU A 1007 -27.42 -23.82 2.03
C GLU A 1007 -28.70 -23.94 1.21
N GLU A 1008 -29.62 -24.77 1.69
CA GLU A 1008 -30.96 -24.90 1.09
C GLU A 1008 -31.77 -23.61 1.20
N GLU A 1009 -31.70 -22.95 2.35
CA GLU A 1009 -32.42 -21.69 2.59
C GLU A 1009 -31.86 -20.53 1.76
N ALA A 1010 -30.53 -20.42 1.72
CA ALA A 1010 -29.86 -19.38 0.95
C ALA A 1010 -30.15 -19.45 -0.55
N LEU A 1011 -30.14 -20.68 -1.09
CA LEU A 1011 -30.39 -20.91 -2.51
C LEU A 1011 -31.82 -20.60 -2.93
N LYS A 1012 -32.77 -20.85 -2.03
CA LYS A 1012 -34.17 -20.45 -2.24
C LYS A 1012 -34.34 -18.94 -2.21
N HIS A 1013 -33.55 -18.24 -1.40
CA HIS A 1013 -33.59 -16.77 -1.36
C HIS A 1013 -32.91 -16.17 -2.59
N PHE A 1014 -31.78 -16.75 -3.01
CA PHE A 1014 -31.10 -16.33 -4.24
C PHE A 1014 -32.00 -16.47 -5.47
N ARG A 1015 -32.73 -17.59 -5.56
CA ARG A 1015 -33.68 -17.83 -6.66
C ARG A 1015 -34.79 -16.79 -6.74
N VAL A 1016 -35.30 -16.40 -5.56
CA VAL A 1016 -36.31 -15.32 -5.46
C VAL A 1016 -35.75 -13.98 -5.92
N LYS A 1017 -34.59 -13.63 -5.38
CA LYS A 1017 -33.85 -12.43 -5.79
C LYS A 1017 -33.52 -12.45 -7.28
N PHE A 1018 -33.09 -13.60 -7.78
CA PHE A 1018 -32.86 -13.82 -9.22
C PHE A 1018 -34.14 -13.59 -10.02
N ASN A 1019 -35.22 -14.25 -9.61
CA ASN A 1019 -36.51 -14.13 -10.29
C ASN A 1019 -37.06 -12.71 -10.33
N GLU A 1020 -36.88 -11.96 -9.24
CA GLU A 1020 -37.34 -10.56 -9.17
C GLU A 1020 -36.51 -9.62 -10.05
N ALA A 1021 -35.22 -9.92 -10.18
CA ALA A 1021 -34.34 -9.17 -11.08
C ALA A 1021 -34.75 -9.33 -12.55
N LEU A 1022 -35.23 -10.52 -12.91
CA LEU A 1022 -35.74 -10.80 -14.26
C LEU A 1022 -37.05 -10.04 -14.55
N ARG A 1023 -37.96 -10.03 -13.58
CA ARG A 1023 -39.18 -9.20 -13.65
C ARG A 1023 -38.84 -7.71 -13.73
N GLU A 1024 -37.86 -7.28 -12.94
CA GLU A 1024 -37.39 -5.89 -12.95
C GLU A 1024 -36.62 -5.54 -14.23
N SER A 1025 -35.98 -6.54 -14.85
CA SER A 1025 -35.26 -6.34 -16.13
C SER A 1025 -36.16 -5.80 -17.25
N TRP A 1026 -37.40 -6.30 -17.32
CA TRP A 1026 -38.41 -5.79 -18.27
C TRP A 1026 -38.91 -4.38 -17.93
N LYS A 1027 -39.13 -4.12 -16.63
CA LYS A 1027 -39.58 -2.81 -16.16
C LYS A 1027 -38.54 -1.70 -16.39
N THR A 1028 -37.28 -1.97 -16.05
CA THR A 1028 -36.16 -1.02 -16.22
C THR A 1028 -36.00 -0.54 -17.68
N LYS A 1029 -36.15 -1.47 -18.63
CA LYS A 1029 -35.91 -1.18 -20.05
C LYS A 1029 -36.94 -0.25 -20.71
N VAL A 1030 -38.20 -0.32 -20.26
CA VAL A 1030 -39.28 0.52 -20.82
C VAL A 1030 -39.13 1.98 -20.33
N TYR B 1 -43.23 7.38 34.29
CA TYR B 1 -42.33 8.15 35.22
C TYR B 1 -40.86 8.19 34.75
N GLN B 2 -40.69 8.48 33.45
CA GLN B 2 -39.39 8.64 32.82
C GLN B 2 -39.44 9.90 31.95
N GLN B 3 -38.30 10.32 31.39
CA GLN B 3 -38.25 11.57 30.60
C GLN B 3 -37.03 11.65 29.66
N ASP B 4 -37.21 12.32 28.52
CA ASP B 4 -36.12 12.71 27.61
C ASP B 4 -36.60 13.85 26.68
N GLN B 5 -36.26 15.09 27.05
CA GLN B 5 -36.66 16.29 26.29
C GLN B 5 -35.53 16.73 25.34
N VAL B 6 -35.63 16.31 24.08
CA VAL B 6 -34.57 16.54 23.06
C VAL B 6 -35.07 17.09 21.72
N VAL B 7 -36.17 16.52 21.20
CA VAL B 7 -36.76 16.95 19.92
C VAL B 7 -37.66 18.17 20.16
N LYS B 8 -37.42 19.24 19.39
CA LYS B 8 -38.14 20.52 19.54
C LYS B 8 -39.58 20.50 19.01
N GLU B 9 -39.82 19.73 17.94
CA GLU B 9 -41.14 19.62 17.29
C GLU B 9 -41.83 18.31 17.68
N ASP B 10 -43.17 18.30 17.64
CA ASP B 10 -43.95 17.13 18.10
C ASP B 10 -45.06 16.60 17.14
N ASN B 11 -45.15 17.14 15.92
CA ASN B 11 -45.96 16.52 14.85
C ASN B 11 -45.03 16.02 13.72
N ILE B 12 -45.42 14.92 13.08
CA ILE B 12 -44.55 14.15 12.16
C ILE B 12 -43.93 14.98 11.02
N GLU B 13 -44.76 15.76 10.34
CA GLU B 13 -44.28 16.61 9.24
C GLU B 13 -43.28 17.68 9.69
N ALA B 14 -43.56 18.30 10.84
CA ALA B 14 -42.69 19.31 11.41
C ALA B 14 -41.33 18.74 11.81
N VAL B 15 -41.36 17.56 12.42
CA VAL B 15 -40.12 16.85 12.80
C VAL B 15 -39.35 16.40 11.54
N GLY B 16 -40.07 15.95 10.52
CA GLY B 16 -39.47 15.56 9.25
C GLY B 16 -38.87 16.72 8.47
N LYS B 17 -39.54 17.87 8.52
CA LYS B 17 -39.01 19.11 7.96
C LYS B 17 -37.72 19.50 8.67
N LYS B 18 -37.70 19.41 10.00
CA LYS B 18 -36.49 19.70 10.78
C LYS B 18 -35.41 18.61 10.67
N LEU B 19 -35.79 17.37 10.37
CA LEU B 19 -34.81 16.34 9.97
C LEU B 19 -34.11 16.72 8.66
N HIS B 20 -34.89 17.21 7.69
CA HIS B 20 -34.34 17.64 6.40
C HIS B 20 -33.40 18.85 6.53
N GLU B 21 -33.77 19.80 7.40
CA GLU B 21 -32.92 20.96 7.68
C GLU B 21 -31.63 20.58 8.39
N TYR B 22 -31.73 19.78 9.46
CA TYR B 22 -30.53 19.40 10.25
C TYR B 22 -29.54 18.51 9.47
N ASN B 23 -30.08 17.64 8.61
CA ASN B 23 -29.27 16.79 7.73
C ASN B 23 -28.51 17.61 6.67
N THR B 24 -29.18 18.60 6.09
CA THR B 24 -28.56 19.54 5.16
C THR B 24 -27.45 20.32 5.84
N GLN B 25 -27.73 20.82 7.04
CA GLN B 25 -26.73 21.52 7.86
C GLN B 25 -25.51 20.63 8.16
N PHE B 26 -25.75 19.34 8.41
CA PHE B 26 -24.68 18.36 8.71
C PHE B 26 -23.82 18.04 7.50
N GLN B 27 -24.48 17.71 6.38
CA GLN B 27 -23.78 17.43 5.11
C GLN B 27 -22.90 18.59 4.66
N GLU B 28 -23.41 19.82 4.81
CA GLU B 28 -22.65 21.02 4.44
C GLU B 28 -21.45 21.26 5.38
N LYS B 29 -21.65 21.02 6.68
CA LYS B 29 -20.56 21.10 7.67
C LYS B 29 -19.51 20.01 7.50
N SER B 30 -19.92 18.82 7.09
CA SER B 30 -19.00 17.73 6.77
C SER B 30 -18.07 18.11 5.63
N ARG B 31 -18.66 18.65 4.55
CA ARG B 31 -17.90 19.11 3.39
C ARG B 31 -16.92 20.22 3.75
N GLU B 32 -17.36 21.12 4.63
CA GLU B 32 -16.51 22.19 5.18
C GLU B 32 -15.32 21.60 5.91
N TYR B 33 -15.57 20.59 6.74
CA TYR B 33 -14.50 19.92 7.48
C TYR B 33 -13.55 19.19 6.52
N ASP B 34 -14.11 18.40 5.60
CA ASP B 34 -13.33 17.64 4.60
C ASP B 34 -12.37 18.52 3.83
N ARG B 35 -12.87 19.67 3.36
CA ARG B 35 -12.07 20.68 2.68
C ARG B 35 -10.86 21.09 3.52
N LEU B 36 -11.07 21.31 4.81
CA LEU B 36 -9.99 21.68 5.73
C LEU B 36 -9.02 20.53 5.96
N TYR B 37 -9.54 19.31 6.05
CA TYR B 37 -8.70 18.14 6.23
C TYR B 37 -7.78 17.90 5.02
N GLU B 38 -8.27 18.19 3.82
CA GLU B 38 -7.42 18.18 2.63
C GLU B 38 -6.29 19.20 2.79
N ASP B 39 -6.64 20.41 3.21
CA ASP B 39 -5.66 21.46 3.50
C ASP B 39 -4.69 21.08 4.61
N TYR B 40 -5.19 20.41 5.65
CA TYR B 40 -4.36 19.90 6.73
C TYR B 40 -3.34 18.88 6.20
N THR B 41 -3.84 17.85 5.53
CA THR B 41 -2.98 16.80 4.96
C THR B 41 -1.95 17.38 3.98
N ARG B 42 -2.40 18.28 3.10
CA ARG B 42 -1.52 18.90 2.09
C ARG B 42 -0.43 19.75 2.74
N THR B 43 -0.81 20.55 3.73
CA THR B 43 0.11 21.42 4.44
C THR B 43 1.13 20.62 5.27
N SER B 44 0.70 19.50 5.84
CA SER B 44 1.63 18.58 6.51
C SER B 44 2.72 18.07 5.55
N GLN B 45 2.32 17.68 4.34
CA GLN B 45 3.23 17.19 3.30
C GLN B 45 4.20 18.27 2.79
N GLU B 46 3.66 19.47 2.54
CA GLU B 46 4.47 20.61 2.11
C GLU B 46 5.49 21.03 3.18
N ILE B 47 5.05 21.05 4.44
CA ILE B 47 5.93 21.34 5.58
C ILE B 47 7.04 20.29 5.72
N GLN B 48 6.71 19.03 5.47
CA GLN B 48 7.72 17.96 5.46
C GLN B 48 8.74 18.17 4.33
N MET B 49 8.25 18.46 3.13
CA MET B 49 9.11 18.76 1.97
C MET B 49 10.06 19.91 2.24
N LYS B 50 9.52 21.01 2.77
CA LYS B 50 10.33 22.18 3.11
C LYS B 50 11.39 21.87 4.17
N ARG B 51 11.02 21.03 5.12
CA ARG B 51 11.92 20.67 6.23
C ARG B 51 13.09 19.79 5.76
N THR B 52 12.85 18.85 4.84
CA THR B 52 13.95 18.09 4.21
C THR B 52 14.75 18.95 3.19
N ALA B 53 14.11 19.92 2.55
CA ALA B 53 14.81 20.88 1.69
C ALA B 53 15.78 21.76 2.48
N ILE B 54 15.44 22.05 3.74
CA ILE B 54 16.34 22.75 4.66
C ILE B 54 17.55 21.87 5.00
N GLU B 55 17.31 20.58 5.27
CA GLU B 55 18.39 19.61 5.48
C GLU B 55 19.32 19.58 4.26
N ALA B 56 18.74 19.57 3.06
CA ALA B 56 19.51 19.63 1.81
C ALA B 56 20.32 20.93 1.66
N PHE B 57 19.80 22.05 2.16
CA PHE B 57 20.55 23.31 2.22
C PHE B 57 21.72 23.21 3.19
N ASN B 58 21.50 22.59 4.35
CA ASN B 58 22.55 22.40 5.36
C ASN B 58 23.69 21.58 4.81
N GLU B 59 23.33 20.44 4.22
CA GLU B 59 24.28 19.49 3.68
C GLU B 59 25.11 20.06 2.52
N THR B 60 24.49 20.93 1.72
CA THR B 60 25.20 21.67 0.68
C THR B 60 26.24 22.60 1.31
N ILE B 61 25.77 23.46 2.21
CA ILE B 61 26.63 24.43 2.90
C ILE B 61 27.77 23.69 3.63
N LYS B 62 27.44 22.57 4.27
CA LYS B 62 28.45 21.71 4.92
C LYS B 62 29.56 21.30 3.95
N ILE B 63 29.15 20.90 2.73
CA ILE B 63 30.08 20.59 1.64
C ILE B 63 30.93 21.81 1.24
N PHE B 64 30.30 22.98 1.17
CA PHE B 64 31.04 24.23 0.90
C PHE B 64 32.00 24.64 2.03
N GLU B 65 31.63 24.36 3.28
CA GLU B 65 32.50 24.66 4.43
C GLU B 65 33.76 23.79 4.40
N GLU B 66 33.57 22.51 4.09
CA GLU B 66 34.68 21.56 3.84
C GLU B 66 35.63 22.05 2.76
N GLN B 67 35.08 22.58 1.67
CA GLN B 67 35.89 23.14 0.58
C GLN B 67 36.78 24.29 1.05
N CYS B 68 36.24 25.16 1.91
CA CYS B 68 37.02 26.27 2.49
C CYS B 68 38.11 25.76 3.42
N GLN B 69 37.79 24.76 4.24
CA GLN B 69 38.79 24.11 5.10
C GLN B 69 39.96 23.61 4.27
N THR B 70 39.64 22.91 3.18
CA THR B 70 40.63 22.35 2.25
C THR B 70 41.48 23.45 1.61
N GLN B 71 40.79 24.43 1.01
CA GLN B 71 41.46 25.58 0.36
C GLN B 71 42.48 26.25 1.29
N GLU B 72 42.10 26.46 2.55
CA GLU B 72 43.00 27.07 3.56
C GLU B 72 44.21 26.18 3.91
N ARG B 73 43.96 24.88 4.09
CA ARG B 73 45.01 23.91 4.40
C ARG B 73 45.92 23.70 3.18
N TYR B 74 45.31 23.47 2.02
CA TYR B 74 46.03 23.11 0.80
C TYR B 74 46.84 24.24 0.18
N SER B 75 46.28 25.45 0.15
CA SER B 75 46.92 26.60 -0.50
C SER B 75 48.20 27.07 0.19
N LYS B 76 48.30 26.85 1.51
CA LYS B 76 49.45 27.31 2.32
C LYS B 76 50.81 27.14 1.64
N GLU B 77 51.06 25.95 1.09
CA GLU B 77 52.33 25.62 0.44
C GLU B 77 52.57 26.42 -0.85
N TYR B 78 51.55 26.47 -1.70
CA TYR B 78 51.68 27.07 -3.04
C TYR B 78 51.75 28.60 -3.03
N ILE B 79 51.06 29.23 -2.08
CA ILE B 79 51.14 30.69 -1.91
C ILE B 79 52.56 31.08 -1.44
N GLU B 80 53.10 30.33 -0.48
CA GLU B 80 54.47 30.54 0.00
C GLU B 80 55.53 30.18 -1.05
N LYS B 81 55.30 29.08 -1.78
CA LYS B 81 56.23 28.63 -2.84
C LYS B 81 56.21 29.52 -4.09
N PHE B 82 55.10 30.23 -4.32
CA PHE B 82 54.97 31.18 -5.44
C PHE B 82 55.28 32.65 -5.04
N LYS B 83 55.44 32.91 -3.74
CA LYS B 83 55.89 34.23 -3.25
C LYS B 83 57.37 34.41 -3.58
N ARG B 84 58.18 33.41 -3.20
CA ARG B 84 59.53 33.24 -3.75
C ARG B 84 59.37 32.72 -5.20
N GLU B 85 60.30 33.10 -6.06
CA GLU B 85 60.14 32.97 -7.52
C GLU B 85 58.90 33.77 -7.93
N GLY B 86 58.95 35.08 -7.64
CA GLY B 86 57.82 36.03 -7.67
C GLY B 86 56.68 35.82 -8.64
N ASN B 87 55.86 34.82 -8.38
CA ASN B 87 54.64 34.53 -9.12
C ASN B 87 53.45 35.01 -8.29
N GLU B 88 53.44 36.32 -8.01
CA GLU B 88 52.39 36.97 -7.22
C GLU B 88 51.04 36.99 -7.92
N THR B 89 51.03 36.76 -9.22
CA THR B 89 49.79 36.62 -9.98
C THR B 89 49.03 35.34 -9.60
N GLU B 90 49.74 34.21 -9.58
CA GLU B 90 49.14 32.91 -9.20
C GLU B 90 48.58 32.93 -7.77
N ILE B 91 49.22 33.69 -6.88
CA ILE B 91 48.70 33.94 -5.54
C ILE B 91 47.37 34.70 -5.64
N GLN B 92 47.37 35.80 -6.39
CA GLN B 92 46.18 36.63 -6.57
C GLN B 92 45.00 35.88 -7.21
N ARG B 93 45.30 34.92 -8.08
CA ARG B 93 44.27 34.05 -8.69
C ARG B 93 43.65 33.07 -7.69
N ILE B 94 44.49 32.43 -6.87
CA ILE B 94 44.04 31.51 -5.83
C ILE B 94 43.07 32.20 -4.85
N MET B 95 43.43 33.42 -4.43
CA MET B 95 42.63 34.17 -3.46
C MET B 95 41.36 34.76 -4.06
N HIS B 96 41.43 35.26 -5.29
CA HIS B 96 40.23 35.74 -6.01
C HIS B 96 39.26 34.60 -6.27
N ASN B 97 39.81 33.43 -6.63
CA ASN B 97 39.01 32.21 -6.78
C ASN B 97 38.36 31.80 -5.46
N TYR B 98 39.11 31.93 -4.37
CA TYR B 98 38.62 31.65 -3.01
C TYR B 98 37.55 32.65 -2.57
N GLU B 99 37.71 33.92 -2.95
CA GLU B 99 36.68 34.94 -2.71
C GLU B 99 35.41 34.67 -3.53
N LYS B 100 35.58 34.12 -4.74
CA LYS B 100 34.45 33.70 -5.58
C LYS B 100 33.67 32.55 -4.92
N LEU B 101 34.37 31.65 -4.23
CA LEU B 101 33.74 30.54 -3.50
C LEU B 101 32.93 31.06 -2.31
N LYS B 102 33.57 31.88 -1.47
CA LYS B 102 32.91 32.47 -0.30
C LYS B 102 31.63 33.23 -0.66
N SER B 103 31.69 33.97 -1.77
CA SER B 103 30.56 34.75 -2.26
C SER B 103 29.37 33.86 -2.63
N ARG B 104 29.65 32.70 -3.21
CA ARG B 104 28.61 31.71 -3.53
C ARG B 104 27.92 31.13 -2.28
N ILE B 105 28.69 30.89 -1.23
CA ILE B 105 28.13 30.41 0.05
C ILE B 105 27.02 31.37 0.54
N SER B 106 27.32 32.67 0.53
CA SER B 106 26.37 33.71 0.95
C SER B 106 25.04 33.66 0.21
N GLU B 107 25.08 33.30 -1.07
CA GLU B 107 23.86 33.14 -1.89
C GLU B 107 23.04 31.95 -1.41
N ILE B 108 23.73 30.85 -1.10
CA ILE B 108 23.09 29.62 -0.61
C ILE B 108 22.53 29.80 0.80
N VAL B 109 23.24 30.57 1.63
CA VAL B 109 22.76 30.92 2.98
C VAL B 109 21.50 31.78 2.88
N ASP B 110 21.51 32.74 1.95
CA ASP B 110 20.36 33.61 1.67
C ASP B 110 19.14 32.79 1.23
N SER B 111 19.33 31.84 0.33
CA SER B 111 18.24 31.01 -0.18
C SER B 111 17.70 30.02 0.86
N ARG B 112 18.59 29.54 1.73
CA ARG B 112 18.16 28.74 2.88
C ARG B 112 17.29 29.57 3.82
N ARG B 113 17.76 30.78 4.10
CA ARG B 113 17.05 31.71 4.98
C ARG B 113 15.65 32.04 4.47
N ARG B 114 15.50 32.25 3.16
CA ARG B 114 14.18 32.47 2.54
C ARG B 114 13.22 31.29 2.74
N LEU B 115 13.74 30.07 2.63
CA LEU B 115 12.96 28.85 2.85
C LEU B 115 12.57 28.67 4.31
N GLU B 116 13.46 29.03 5.23
CA GLU B 116 13.14 29.05 6.68
C GLU B 116 11.96 29.98 6.98
N GLU B 117 11.97 31.15 6.34
CA GLU B 117 10.88 32.13 6.45
C GLU B 117 9.56 31.58 5.91
N ASP B 118 9.60 30.87 4.78
CA ASP B 118 8.39 30.23 4.23
C ASP B 118 7.84 29.16 5.16
N LEU B 119 8.73 28.36 5.74
CA LEU B 119 8.36 27.29 6.65
C LEU B 119 7.78 27.86 7.95
N LYS B 120 8.38 28.94 8.45
CA LYS B 120 7.84 29.68 9.60
C LYS B 120 6.38 30.08 9.32
N LYS B 121 6.17 30.70 8.15
CA LYS B 121 4.83 31.12 7.74
C LYS B 121 3.87 29.94 7.55
N GLN B 122 4.30 28.89 6.85
CA GLN B 122 3.45 27.71 6.62
C GLN B 122 3.16 26.90 7.88
N ALA B 123 4.08 26.94 8.85
CA ALA B 123 3.86 26.34 10.18
C ALA B 123 2.72 27.03 10.95
N ALA B 124 2.58 28.33 10.77
CA ALA B 124 1.47 29.11 11.35
C ALA B 124 0.14 28.74 10.69
N GLU B 125 0.14 28.59 9.37
CA GLU B 125 -1.06 28.18 8.63
C GLU B 125 -1.57 26.86 9.16
N TYR B 126 -0.68 25.87 9.21
CA TYR B 126 -0.98 24.53 9.77
C TYR B 126 -1.71 24.63 11.12
N ARG B 127 -1.19 25.44 12.03
CA ARG B 127 -1.82 25.65 13.34
C ARG B 127 -3.19 26.32 13.21
N GLU B 128 -3.29 27.31 12.32
CA GLU B 128 -4.57 27.95 12.00
C GLU B 128 -5.60 26.97 11.41
N ILE B 129 -5.15 26.08 10.51
CA ILE B 129 -6.01 25.03 9.95
C ILE B 129 -6.51 24.12 11.08
N ASP B 130 -5.60 23.67 11.93
CA ASP B 130 -5.91 22.76 13.04
C ASP B 130 -6.87 23.39 14.06
N LYS B 131 -6.75 24.70 14.26
CA LYS B 131 -7.65 25.45 15.14
C LYS B 131 -9.06 25.50 14.56
N ARG B 132 -9.15 25.85 13.28
CA ARG B 132 -10.45 25.92 12.59
C ARG B 132 -11.17 24.57 12.54
N MET B 133 -10.41 23.50 12.33
CA MET B 133 -10.94 22.13 12.43
C MET B 133 -11.54 21.88 13.80
N ASN B 134 -10.80 22.27 14.84
CA ASN B 134 -11.25 22.06 16.23
C ASN B 134 -12.44 22.92 16.65
N SER B 135 -12.65 24.06 16.01
CA SER B 135 -13.87 24.85 16.25
C SER B 135 -15.08 24.29 15.49
N ILE B 136 -14.83 23.55 14.41
CA ILE B 136 -15.90 22.91 13.61
C ILE B 136 -16.42 21.62 14.24
N LYS B 137 -15.53 20.84 14.86
CA LYS B 137 -15.87 19.53 15.44
C LYS B 137 -17.12 19.49 16.34
N PRO B 138 -17.26 20.44 17.31
CA PRO B 138 -18.50 20.47 18.11
C PRO B 138 -19.77 20.58 17.26
N ASP B 139 -19.79 21.54 16.34
CA ASP B 139 -20.95 21.79 15.46
C ASP B 139 -21.31 20.53 14.68
N LEU B 140 -20.28 19.94 14.07
CA LEU B 140 -20.39 18.72 13.26
C LEU B 140 -20.91 17.54 14.08
N ILE B 141 -20.37 17.36 15.28
CA ILE B 141 -20.78 16.26 16.15
C ILE B 141 -22.20 16.49 16.72
N GLN B 142 -22.48 17.71 17.18
CA GLN B 142 -23.83 18.10 17.62
C GLN B 142 -24.85 17.86 16.51
N LEU B 143 -24.53 18.32 15.31
CA LEU B 143 -25.39 18.14 14.14
C LEU B 143 -25.61 16.69 13.74
N ARG B 144 -24.62 15.82 13.97
CA ARG B 144 -24.79 14.37 13.76
C ARG B 144 -25.75 13.78 14.79
N LYS B 145 -25.52 14.13 16.06
CA LYS B 145 -26.34 13.61 17.16
C LYS B 145 -27.82 14.01 17.03
N THR B 146 -28.08 15.27 16.66
CA THR B 146 -29.43 15.78 16.44
C THR B 146 -30.12 15.00 15.31
N ARG B 147 -29.45 14.91 14.16
CA ARG B 147 -29.92 14.14 12.99
C ARG B 147 -30.41 12.74 13.36
N ASP B 148 -29.65 12.07 14.24
CA ASP B 148 -29.99 10.71 14.68
C ASP B 148 -31.17 10.69 15.66
N GLN B 149 -31.22 11.65 16.59
CA GLN B 149 -32.37 11.77 17.50
C GLN B 149 -33.70 11.96 16.76
N TYR B 150 -33.66 12.77 15.70
CA TYR B 150 -34.85 13.01 14.87
C TYR B 150 -35.25 11.76 14.08
N LEU B 151 -34.27 11.07 13.50
CA LEU B 151 -34.50 9.77 12.81
C LEU B 151 -35.14 8.72 13.72
N MET B 152 -34.56 8.56 14.91
CA MET B 152 -35.08 7.63 15.92
C MET B 152 -36.51 7.96 16.30
N TRP B 153 -36.79 9.24 16.53
CA TRP B 153 -38.13 9.74 16.88
C TRP B 153 -39.17 9.34 15.83
N LEU B 154 -38.85 9.60 14.57
CA LEU B 154 -39.75 9.26 13.45
C LEU B 154 -39.89 7.75 13.24
N THR B 155 -38.81 7.00 13.46
CA THR B 155 -38.81 5.53 13.39
C THR B 155 -39.71 4.93 14.49
N GLN B 156 -39.47 5.33 15.73
CA GLN B 156 -40.36 5.00 16.86
C GLN B 156 -41.83 5.28 16.56
N LYS B 157 -42.11 6.49 16.06
CA LYS B 157 -43.46 6.89 15.63
C LYS B 157 -43.99 6.07 14.44
N GLY B 158 -43.10 5.35 13.75
CA GLY B 158 -43.49 4.38 12.73
C GLY B 158 -43.62 4.99 11.35
N VAL B 159 -42.81 6.02 11.09
CA VAL B 159 -42.75 6.64 9.77
C VAL B 159 -42.01 5.68 8.85
N ARG B 160 -42.54 5.52 7.64
CA ARG B 160 -42.01 4.59 6.64
C ARG B 160 -40.66 5.07 6.11
N GLN B 161 -39.81 4.14 5.70
CA GLN B 161 -38.47 4.46 5.17
C GLN B 161 -38.51 5.40 3.95
N LYS B 162 -39.56 5.31 3.13
CA LYS B 162 -39.75 6.18 1.96
C LYS B 162 -39.78 7.67 2.31
N LYS B 163 -40.48 8.03 3.38
CA LYS B 163 -40.54 9.43 3.85
C LYS B 163 -39.23 9.85 4.50
N LEU B 164 -38.59 8.93 5.23
CA LEU B 164 -37.28 9.18 5.84
C LEU B 164 -36.20 9.41 4.79
N ASN B 165 -36.27 8.66 3.69
CA ASN B 165 -35.34 8.83 2.57
C ASN B 165 -35.41 10.22 1.95
N GLU B 166 -36.63 10.68 1.64
CA GLU B 166 -36.80 11.95 0.92
C GLU B 166 -36.40 13.18 1.75
N TRP B 167 -36.54 13.09 3.06
CA TRP B 167 -36.01 14.13 3.96
C TRP B 167 -34.49 14.11 4.01
N LEU B 168 -33.89 12.91 3.98
CA LEU B 168 -32.44 12.77 3.99
C LEU B 168 -31.79 13.13 2.65
N GLY B 169 -32.41 12.70 1.54
CA GLY B 169 -31.85 12.92 0.20
C GLY B 169 -31.91 14.37 -0.27
C2 5H5 C . -11.63 2.33 -25.07
C4 5H5 C . -10.29 1.65 -25.16
C6 5H5 C . -10.15 1.05 -26.56
C8 5H5 C . -10.19 0.64 -22.86
C12 5H5 C . -10.21 -2.36 -19.21
C15 5H5 C . -10.16 0.05 -16.40
C16 5H5 C . -10.46 1.35 -16.53
C18 5H5 C . -10.23 0.56 -18.55
C19 5H5 C . -10.20 0.54 -20.04
C21 5H5 C . -10.57 1.76 -22.12
C24 5H5 C . -11.13 3.06 -13.45
C27 5H5 C . -10.41 4.53 -16.66
N1 5H5 C . -12.74 1.57 -25.04
O3 5H5 C . -11.70 3.54 -25.00
O7 5H5 C . -10.15 0.55 -24.23
C9 5H5 C . -9.82 -0.52 -22.19
C10 5H5 C . -9.82 -0.59 -20.81
O11 5H5 C . -9.44 -1.74 -20.22
C13 5H5 C . -9.67 -1.87 -17.89
N14 5H5 C . -10.01 -0.48 -17.64
N17 5H5 C . -10.50 1.61 -17.84
C20 5H5 C . -10.58 1.71 -20.74
C22 5H5 C . -10.70 2.31 -15.44
N23 5H5 C . -10.97 1.97 -14.19
N25 5H5 C . -10.97 4.12 -14.20
N26 5H5 C . -10.67 3.67 -15.50
C28 5H5 C . -11.73 5.17 -17.11
C29 5H5 C . -9.39 5.61 -16.29
#